data_8DQO
#
_entry.id   8DQO
#
_cell.length_a   57.411
_cell.length_b   57.903
_cell.length_c   270.395
_cell.angle_alpha   90.00
_cell.angle_beta   90.00
_cell.angle_gamma   90.00
#
_symmetry.space_group_name_H-M   'P 21 21 21'
#
loop_
_entity.id
_entity.type
_entity.pdbx_description
1 polymer 'Coumarin Synthase'
2 non-polymer 'CALCIUM ION'
3 non-polymer 1,2-ETHANEDIOL
4 water water
#
_entity_poly.entity_id   1
_entity_poly.type   'polypeptide(L)'
_entity_poly.pdbx_seq_one_letter_code
;MATLEITDIALVQPSHQPLSNDQTLSLSHLDNDNNLHVSFRYLRVYSSSSSTVAGESPSAVVSASLATALVHYYPLAGSL
RRSASDNRFELLCSAGQSVPLVNATVNCTLESVGYLDGPDPGFVERLVPDPTREEGMVNPCILQVTMFQCGGWVLGASIH
HAICDGLGASLFFNAMAELARGATKISIEPVWDRERLLGPREKPWVGAPVRDFLSLDKDFDPYGQAIGDVKRDCFFVTDD
SLDQLKAQLLEKSGLNFTTFEALGAYIWRAKVRAAKTEEKENVKFVYSINIRRLMNPPLPKGYWGNGCVPMYAQIKAGEL
IEQPIWKTAELIKQSKSNTSDEYVRSFIDFQELHHKDGINAGTGVTGFTDWRYLGHSTIDFGWGGPVTVLPLSNKLLGSM
EPCFFLPYSTDAAAGSKKDSGFKVLVNLRESAMPEFKEAMDKFHKGEFALS
;
_entity_poly.pdbx_strand_id   A,B
#
loop_
_chem_comp.id
_chem_comp.type
_chem_comp.name
_chem_comp.formula
CA non-polymer 'CALCIUM ION' 'Ca 2'
EDO non-polymer 1,2-ETHANEDIOL 'C2 H6 O2'
#
# COMPACT_ATOMS: atom_id res chain seq x y z
N ALA A 2 -1.35 14.81 12.97
CA ALA A 2 -2.73 14.22 12.94
C ALA A 2 -2.65 12.71 12.69
N THR A 3 -3.32 11.93 13.55
CA THR A 3 -3.24 10.48 13.54
C THR A 3 -4.51 9.90 12.88
N LEU A 4 -4.32 9.08 11.86
CA LEU A 4 -5.39 8.32 11.27
C LEU A 4 -5.33 6.92 11.90
N GLU A 5 -6.40 6.50 12.60
CA GLU A 5 -6.49 5.16 13.24
C GLU A 5 -7.43 4.23 12.47
N ILE A 6 -6.86 3.10 11.96
CA ILE A 6 -7.66 2.06 11.29
C ILE A 6 -8.31 1.26 12.41
N THR A 7 -9.63 1.40 12.55
CA THR A 7 -10.33 0.73 13.62
C THR A 7 -10.55 -0.75 13.25
N ASP A 8 -10.87 -1.03 11.97
CA ASP A 8 -11.14 -2.42 11.54
C ASP A 8 -11.21 -2.53 10.01
N ILE A 9 -11.06 -3.75 9.50
CA ILE A 9 -11.26 -4.00 8.11
C ILE A 9 -12.36 -5.04 7.97
N ALA A 10 -13.47 -4.63 7.37
CA ALA A 10 -14.60 -5.51 7.17
C ALA A 10 -14.36 -6.26 5.86
N LEU A 11 -14.54 -7.58 5.85
CA LEU A 11 -14.53 -8.34 4.55
C LEU A 11 -15.98 -8.56 4.10
N VAL A 12 -16.43 -7.75 3.15
CA VAL A 12 -17.82 -7.68 2.81
C VAL A 12 -18.11 -8.66 1.68
N GLN A 13 -18.99 -9.63 1.96
CA GLN A 13 -19.35 -10.63 0.97
C GLN A 13 -20.67 -10.23 0.34
N PRO A 14 -20.99 -10.76 -0.86
CA PRO A 14 -22.31 -10.58 -1.43
C PRO A 14 -23.34 -11.01 -0.37
N SER A 15 -24.47 -10.31 -0.36
CA SER A 15 -25.59 -10.57 0.57
C SER A 15 -26.08 -12.00 0.43
N HIS A 16 -26.29 -12.37 -0.84
CA HIS A 16 -26.66 -13.69 -1.27
C HIS A 16 -25.53 -14.17 -2.19
N GLN A 17 -24.95 -15.33 -1.89
CA GLN A 17 -23.84 -15.83 -2.68
C GLN A 17 -24.37 -16.11 -4.09
N PRO A 18 -23.87 -15.42 -5.15
CA PRO A 18 -24.34 -15.68 -6.51
C PRO A 18 -23.79 -16.93 -7.21
N LEU A 19 -22.64 -17.47 -6.76
CA LEU A 19 -21.95 -18.60 -7.44
C LEU A 19 -22.18 -19.92 -6.70
N SER A 20 -22.26 -21.01 -7.48
CA SER A 20 -22.13 -22.39 -6.99
C SER A 20 -20.64 -22.71 -6.81
N ASN A 21 -19.96 -22.86 -7.95
CA ASN A 21 -18.57 -23.18 -7.97
C ASN A 21 -17.87 -22.04 -8.70
N ASP A 22 -16.54 -22.14 -8.76
CA ASP A 22 -15.72 -21.08 -9.27
C ASP A 22 -16.14 -20.75 -10.70
N GLN A 23 -15.92 -19.50 -11.06
CA GLN A 23 -16.08 -19.01 -12.41
C GLN A 23 -14.82 -18.23 -12.75
N THR A 24 -14.27 -18.47 -13.95
CA THR A 24 -13.19 -17.65 -14.43
C THR A 24 -13.76 -16.75 -15.51
N LEU A 25 -13.69 -15.44 -15.32
CA LEU A 25 -14.19 -14.50 -16.34
C LEU A 25 -13.04 -13.98 -17.18
N SER A 26 -13.25 -13.99 -18.50
CA SER A 26 -12.29 -13.38 -19.39
C SER A 26 -12.49 -11.86 -19.43
N LEU A 27 -11.39 -11.16 -19.66
CA LEU A 27 -11.36 -9.72 -19.78
C LEU A 27 -11.14 -9.37 -21.26
N SER A 28 -11.57 -8.17 -21.67
CA SER A 28 -11.42 -7.70 -23.05
C SER A 28 -9.96 -7.25 -23.31
N HIS A 29 -9.64 -7.03 -24.58
CA HIS A 29 -8.34 -6.46 -24.93
C HIS A 29 -8.21 -4.99 -24.51
N LEU A 30 -9.33 -4.28 -24.29
CA LEU A 30 -9.23 -2.96 -23.70
C LEU A 30 -8.81 -3.09 -22.23
N ASP A 31 -9.42 -4.03 -21.49
CA ASP A 31 -9.10 -4.31 -20.10
C ASP A 31 -7.64 -4.73 -19.94
N ASN A 32 -7.10 -5.47 -20.91
CA ASN A 32 -5.80 -6.14 -20.75
C ASN A 32 -4.63 -5.27 -21.26
N ASP A 33 -4.94 -4.05 -21.69
CA ASP A 33 -3.93 -3.07 -22.06
C ASP A 33 -2.92 -2.90 -20.90
N ASN A 34 -1.63 -3.08 -21.20
CA ASN A 34 -0.59 -2.95 -20.15
C ASN A 34 -0.64 -1.58 -19.43
N ASN A 35 -1.06 -0.52 -20.12
CA ASN A 35 -1.18 0.81 -19.48
C ASN A 35 -2.28 0.87 -18.41
N LEU A 36 -3.17 -0.14 -18.37
CA LEU A 36 -4.22 -0.23 -17.34
C LEU A 36 -3.80 -1.16 -16.20
N HIS A 37 -2.56 -1.69 -16.21
CA HIS A 37 -2.12 -2.58 -15.16
C HIS A 37 -1.57 -1.70 -14.03
N VAL A 38 -2.52 -1.09 -13.30
CA VAL A 38 -2.34 -0.08 -12.27
C VAL A 38 -3.57 -0.08 -11.37
N SER A 39 -3.38 0.19 -10.08
CA SER A 39 -4.51 0.53 -9.24
C SER A 39 -4.82 2.00 -9.47
N PHE A 40 -6.10 2.32 -9.62
CA PHE A 40 -6.51 3.68 -9.67
C PHE A 40 -7.11 4.06 -8.32
N ARG A 41 -6.57 5.13 -7.72
CA ARG A 41 -6.88 5.52 -6.35
C ARG A 41 -7.56 6.88 -6.37
N TYR A 42 -8.74 6.97 -5.75
CA TYR A 42 -9.42 8.23 -5.68
C TYR A 42 -10.40 8.30 -4.51
N LEU A 43 -10.78 9.53 -4.18
CA LEU A 43 -11.64 9.69 -3.04
C LEU A 43 -12.74 10.71 -3.31
N ARG A 44 -13.84 10.54 -2.57
CA ARG A 44 -14.96 11.47 -2.48
C ARG A 44 -15.12 11.93 -1.02
N VAL A 45 -15.25 13.25 -0.82
CA VAL A 45 -15.42 13.86 0.48
C VAL A 45 -16.90 14.15 0.69
N TYR A 46 -17.44 13.80 1.86
CA TYR A 46 -18.85 14.05 2.17
C TYR A 46 -18.94 14.95 3.43
N SER A 47 -19.87 15.92 3.38
CA SER A 47 -20.02 17.10 4.30
C SER A 47 -20.43 16.71 5.72
N SER A 48 -21.53 15.96 5.79
CA SER A 48 -22.14 15.66 7.06
C SER A 48 -21.83 14.20 7.38
N SER A 49 -21.69 13.90 8.68
CA SER A 49 -21.43 12.56 9.21
C SER A 49 -22.65 12.00 9.97
N SER A 50 -23.64 12.86 10.30
CA SER A 50 -24.76 12.48 11.20
C SER A 50 -25.87 11.77 10.41
N GLU A 56 -27.71 4.67 9.55
CA GLU A 56 -26.90 4.94 10.72
C GLU A 56 -25.61 5.62 10.26
N SER A 57 -24.45 5.01 10.55
CA SER A 57 -23.16 5.58 10.22
C SER A 57 -22.85 5.36 8.73
N PRO A 58 -22.08 6.27 8.09
CA PRO A 58 -21.62 6.07 6.71
C PRO A 58 -21.01 4.70 6.46
N SER A 59 -20.12 4.25 7.36
CA SER A 59 -19.59 2.91 7.26
C SER A 59 -20.71 1.85 7.24
N ALA A 60 -21.70 1.91 8.14
CA ALA A 60 -22.79 0.90 8.14
C ALA A 60 -23.51 0.92 6.78
N VAL A 61 -23.81 2.11 6.26
CA VAL A 61 -24.62 2.27 5.04
C VAL A 61 -23.83 1.79 3.82
N VAL A 62 -22.55 2.17 3.73
CA VAL A 62 -21.73 1.79 2.62
C VAL A 62 -21.52 0.27 2.65
N SER A 63 -21.33 -0.33 3.83
CA SER A 63 -21.04 -1.78 3.90
C SER A 63 -22.26 -2.62 3.48
N ALA A 64 -23.46 -2.24 3.92
CA ALA A 64 -24.67 -3.00 3.62
C ALA A 64 -25.00 -2.88 2.12
N SER A 65 -24.76 -1.69 1.56
CA SER A 65 -25.06 -1.43 0.15
C SER A 65 -24.04 -2.13 -0.78
N LEU A 66 -22.78 -2.20 -0.33
CA LEU A 66 -21.74 -2.96 -1.02
C LEU A 66 -22.11 -4.45 -1.08
N ALA A 67 -22.54 -4.98 0.06
CA ALA A 67 -22.98 -6.39 0.23
C ALA A 67 -24.07 -6.74 -0.79
N THR A 68 -25.09 -5.88 -0.89
CA THR A 68 -26.22 -6.06 -1.82
C THR A 68 -25.75 -5.91 -3.27
N ALA A 69 -25.01 -4.84 -3.59
CA ALA A 69 -24.51 -4.60 -4.93
C ALA A 69 -23.65 -5.77 -5.42
N LEU A 70 -22.86 -6.37 -4.51
CA LEU A 70 -21.95 -7.45 -4.85
C LEU A 70 -22.72 -8.70 -5.34
N VAL A 71 -24.03 -8.80 -5.10
CA VAL A 71 -24.83 -9.91 -5.69
C VAL A 71 -24.68 -9.84 -7.23
N HIS A 72 -24.73 -8.64 -7.79
CA HIS A 72 -24.60 -8.47 -9.27
C HIS A 72 -23.15 -8.15 -9.68
N TYR A 73 -22.40 -7.48 -8.80
CA TYR A 73 -21.05 -6.97 -9.09
C TYR A 73 -19.94 -7.84 -8.45
N TYR A 74 -20.25 -9.12 -8.17
CA TYR A 74 -19.34 -10.04 -7.47
C TYR A 74 -17.96 -10.16 -8.11
N PRO A 75 -17.74 -9.90 -9.44
CA PRO A 75 -16.37 -9.96 -9.96
C PRO A 75 -15.41 -8.96 -9.28
N LEU A 76 -15.91 -7.87 -8.70
CA LEU A 76 -15.05 -6.92 -7.97
C LEU A 76 -14.46 -7.59 -6.71
N ALA A 77 -15.08 -8.68 -6.26
CA ALA A 77 -14.58 -9.47 -5.12
C ALA A 77 -13.55 -10.51 -5.55
N GLY A 78 -13.36 -10.67 -6.88
CA GLY A 78 -12.49 -11.68 -7.47
C GLY A 78 -11.00 -11.34 -7.39
N SER A 79 -10.19 -12.24 -7.95
CA SER A 79 -8.72 -12.12 -8.00
C SER A 79 -8.30 -12.09 -9.45
N LEU A 80 -7.48 -11.11 -9.84
CA LEU A 80 -6.93 -11.10 -11.17
C LEU A 80 -5.76 -12.07 -11.19
N ARG A 81 -5.69 -12.91 -12.23
CA ARG A 81 -4.57 -13.80 -12.42
C ARG A 81 -4.23 -13.88 -13.92
N ARG A 82 -2.98 -14.22 -14.21
CA ARG A 82 -2.56 -14.45 -15.57
C ARG A 82 -3.14 -15.79 -16.03
N SER A 83 -3.57 -15.86 -17.31
CA SER A 83 -4.10 -17.13 -17.84
C SER A 83 -2.95 -18.11 -18.05
N ALA A 84 -3.30 -19.37 -18.28
CA ALA A 84 -2.37 -20.44 -18.49
C ALA A 84 -1.68 -20.30 -19.85
N SER A 85 -2.26 -19.53 -20.78
CA SER A 85 -1.80 -19.57 -22.14
C SER A 85 -0.97 -18.33 -22.46
N ASP A 86 -1.59 -17.15 -22.42
CA ASP A 86 -0.98 -15.95 -22.99
C ASP A 86 -0.64 -14.92 -21.90
N ASN A 87 -0.79 -15.25 -20.60
CA ASN A 87 -0.41 -14.32 -19.54
C ASN A 87 -1.34 -13.08 -19.46
N ARG A 88 -2.32 -12.95 -20.35
CA ARG A 88 -3.26 -11.85 -20.19
C ARG A 88 -4.06 -12.16 -18.93
N PHE A 89 -4.61 -11.14 -18.29
CA PHE A 89 -5.35 -11.36 -17.08
C PHE A 89 -6.75 -11.92 -17.34
N GLU A 90 -7.22 -12.69 -16.37
CA GLU A 90 -8.64 -13.07 -16.23
C GLU A 90 -8.99 -12.92 -14.75
N LEU A 91 -10.27 -13.07 -14.42
CA LEU A 91 -10.78 -12.75 -13.11
C LEU A 91 -11.39 -14.02 -12.52
N LEU A 92 -10.73 -14.57 -11.49
CA LEU A 92 -11.21 -15.78 -10.80
C LEU A 92 -12.20 -15.39 -9.70
N CYS A 93 -13.42 -15.92 -9.83
CA CYS A 93 -14.48 -15.66 -8.90
C CYS A 93 -14.84 -16.95 -8.17
N SER A 94 -14.96 -16.87 -6.84
CA SER A 94 -15.35 -18.06 -6.05
C SER A 94 -16.12 -17.67 -4.81
N ALA A 95 -16.95 -18.61 -4.33
CA ALA A 95 -17.79 -18.36 -3.16
C ALA A 95 -16.88 -18.11 -1.97
N GLY A 96 -17.22 -17.10 -1.17
CA GLY A 96 -16.43 -16.74 0.00
C GLY A 96 -15.56 -15.51 -0.21
N GLN A 97 -15.41 -15.04 -1.46
CA GLN A 97 -14.55 -13.88 -1.75
C GLN A 97 -15.25 -12.62 -1.24
N SER A 98 -14.48 -11.57 -1.03
CA SER A 98 -15.00 -10.36 -0.40
C SER A 98 -14.34 -9.12 -0.99
N VAL A 99 -14.99 -7.97 -0.78
CA VAL A 99 -14.36 -6.67 -0.97
C VAL A 99 -13.99 -6.13 0.41
N PRO A 100 -12.70 -5.82 0.69
CA PRO A 100 -12.32 -5.21 1.96
C PRO A 100 -12.80 -3.74 2.02
N LEU A 101 -13.43 -3.40 3.14
CA LEU A 101 -13.81 -2.04 3.50
C LEU A 101 -13.01 -1.63 4.76
N VAL A 102 -12.04 -0.74 4.56
CA VAL A 102 -11.21 -0.21 5.63
C VAL A 102 -11.99 0.89 6.34
N ASN A 103 -12.19 0.71 7.64
CA ASN A 103 -12.84 1.71 8.50
C ASN A 103 -11.77 2.43 9.32
N ALA A 104 -11.79 3.76 9.25
CA ALA A 104 -10.77 4.62 9.88
C ALA A 104 -11.41 5.88 10.52
N THR A 105 -10.58 6.54 11.34
CA THR A 105 -11.01 7.75 12.02
C THR A 105 -9.75 8.65 12.32
N VAL A 106 -9.97 9.95 11.94
CA VAL A 106 -8.90 10.91 12.10
C VAL A 106 -9.39 12.08 12.96
N ASN A 107 -8.43 12.70 13.66
CA ASN A 107 -8.66 13.91 14.49
C ASN A 107 -8.29 15.15 13.67
N CYS A 108 -9.22 15.61 12.82
CA CYS A 108 -8.96 16.67 11.85
C CYS A 108 -10.27 17.31 11.38
N THR A 109 -10.13 18.38 10.58
CA THR A 109 -11.20 18.96 9.79
C THR A 109 -11.04 18.49 8.35
N LEU A 110 -12.18 18.17 7.72
CA LEU A 110 -12.21 18.27 6.30
C LEU A 110 -11.61 19.65 5.98
N GLU A 111 -10.54 19.64 5.19
CA GLU A 111 -10.10 20.83 4.48
C GLU A 111 -10.42 20.60 3.00
N SER A 112 -10.50 19.31 2.60
CA SER A 112 -10.99 18.88 1.30
C SER A 112 -10.05 19.39 0.20
N GLY A 122 0.69 14.71 1.64
CA GLY A 122 1.22 13.65 2.51
C GLY A 122 0.13 12.78 3.13
N PHE A 123 -0.67 13.36 4.03
CA PHE A 123 -1.66 12.63 4.88
C PHE A 123 -2.86 12.11 4.05
N VAL A 124 -3.19 12.78 2.94
CA VAL A 124 -4.34 12.39 2.09
C VAL A 124 -4.08 11.00 1.49
N GLU A 125 -2.80 10.62 1.37
CA GLU A 125 -2.40 9.31 0.89
C GLU A 125 -2.95 8.17 1.78
N ARG A 126 -3.18 8.46 3.06
CA ARG A 126 -3.66 7.42 3.97
C ARG A 126 -5.18 7.22 3.91
N LEU A 127 -5.88 7.99 3.06
CA LEU A 127 -7.36 7.91 2.95
C LEU A 127 -7.83 6.80 1.99
N VAL A 128 -6.90 6.17 1.26
CA VAL A 128 -7.21 5.05 0.34
C VAL A 128 -5.98 4.14 0.32
N PRO A 129 -6.11 2.80 0.38
CA PRO A 129 -4.93 1.93 0.30
C PRO A 129 -4.18 2.09 -1.03
N ASP A 130 -2.88 1.73 -1.02
CA ASP A 130 -1.95 2.04 -2.10
C ASP A 130 -1.21 0.77 -2.52
N PRO A 131 -1.93 -0.24 -3.05
CA PRO A 131 -1.28 -1.48 -3.49
C PRO A 131 -0.44 -1.23 -4.75
N THR A 132 0.64 -2.00 -4.90
CA THR A 132 1.37 -2.07 -6.18
C THR A 132 0.42 -2.63 -7.23
N ARG A 133 0.80 -2.49 -8.51
CA ARG A 133 0.04 -3.10 -9.63
C ARG A 133 -0.14 -4.61 -9.38
N GLU A 134 0.89 -5.29 -8.87
CA GLU A 134 0.83 -6.75 -8.63
C GLU A 134 -0.03 -7.05 -7.39
N GLU A 135 0.14 -6.26 -6.32
CA GLU A 135 -0.71 -6.39 -5.13
C GLU A 135 -2.19 -6.14 -5.47
N GLY A 136 -2.47 -5.20 -6.36
CA GLY A 136 -3.82 -4.86 -6.76
C GLY A 136 -4.49 -5.98 -7.54
N MET A 137 -3.70 -6.89 -8.11
CA MET A 137 -4.26 -8.11 -8.70
C MET A 137 -4.93 -9.00 -7.62
N VAL A 138 -4.31 -9.10 -6.44
CA VAL A 138 -4.84 -9.95 -5.41
C VAL A 138 -6.15 -9.37 -4.87
N ASN A 139 -6.11 -8.06 -4.63
CA ASN A 139 -7.20 -7.30 -4.02
C ASN A 139 -7.55 -6.13 -4.93
N PRO A 140 -8.24 -6.37 -6.07
CA PRO A 140 -8.45 -5.35 -7.10
C PRO A 140 -9.59 -4.35 -6.86
N CYS A 141 -10.21 -4.40 -5.68
CA CYS A 141 -11.17 -3.43 -5.27
C CYS A 141 -11.16 -3.35 -3.75
N ILE A 142 -10.60 -2.25 -3.22
CA ILE A 142 -10.57 -1.98 -1.79
C ILE A 142 -11.24 -0.63 -1.57
N LEU A 143 -12.17 -0.57 -0.62
CA LEU A 143 -12.78 0.68 -0.23
C LEU A 143 -12.28 1.08 1.16
N GLN A 144 -12.37 2.38 1.46
CA GLN A 144 -12.08 2.92 2.81
C GLN A 144 -13.09 4.01 3.14
N VAL A 145 -13.74 3.87 4.29
CA VAL A 145 -14.53 4.94 4.91
C VAL A 145 -13.74 5.52 6.11
N THR A 146 -13.35 6.80 5.99
CA THR A 146 -12.62 7.52 7.04
C THR A 146 -13.52 8.62 7.59
N MET A 147 -13.79 8.55 8.90
CA MET A 147 -14.60 9.55 9.64
C MET A 147 -13.70 10.66 10.21
N PHE A 148 -14.13 11.92 10.00
CA PHE A 148 -13.38 13.06 10.49
C PHE A 148 -14.07 13.57 11.76
N GLN A 149 -13.27 13.76 12.81
CA GLN A 149 -13.73 14.14 14.16
C GLN A 149 -14.53 15.45 14.06
N CYS A 150 -14.05 16.39 13.24
CA CYS A 150 -14.60 17.76 13.15
C CYS A 150 -15.92 17.78 12.37
N GLY A 151 -16.28 16.65 11.75
CA GLY A 151 -17.41 16.56 10.84
C GLY A 151 -16.97 16.06 9.48
N GLY A 152 -17.75 15.12 8.93
CA GLY A 152 -17.58 14.71 7.53
C GLY A 152 -16.83 13.39 7.39
N TRP A 153 -16.73 12.91 6.15
CA TRP A 153 -16.16 11.60 5.92
C TRP A 153 -15.68 11.47 4.49
N VAL A 154 -14.79 10.50 4.29
CA VAL A 154 -14.20 10.27 3.01
C VAL A 154 -14.41 8.80 2.64
N LEU A 155 -14.84 8.62 1.38
CA LEU A 155 -14.92 7.35 0.71
C LEU A 155 -13.74 7.29 -0.26
N GLY A 156 -12.78 6.42 0.06
CA GLY A 156 -11.69 6.11 -0.84
C GLY A 156 -11.89 4.78 -1.54
N ALA A 157 -11.40 4.69 -2.77
CA ALA A 157 -11.45 3.50 -3.55
C ALA A 157 -10.10 3.29 -4.25
N SER A 158 -9.61 2.06 -4.17
CA SER A 158 -8.47 1.55 -4.96
C SER A 158 -8.98 0.42 -5.86
N ILE A 159 -9.06 0.66 -7.18
CA ILE A 159 -9.62 -0.33 -8.11
C ILE A 159 -8.57 -0.59 -9.21
N HIS A 160 -8.26 -1.87 -9.43
CA HIS A 160 -7.37 -2.24 -10.51
C HIS A 160 -8.07 -1.87 -11.84
N HIS A 161 -7.35 -1.12 -12.69
CA HIS A 161 -7.97 -0.48 -13.87
C HIS A 161 -8.34 -1.51 -14.94
N ALA A 162 -7.89 -2.76 -14.82
CA ALA A 162 -8.29 -3.81 -15.77
C ALA A 162 -9.77 -4.16 -15.59
N ILE A 163 -10.30 -3.96 -14.37
CA ILE A 163 -11.65 -4.41 -14.09
C ILE A 163 -12.72 -3.49 -14.69
N CYS A 164 -12.50 -2.18 -14.67
CA CYS A 164 -13.50 -1.26 -15.15
C CYS A 164 -12.83 0.07 -15.50
N ASP A 165 -13.52 0.89 -16.31
CA ASP A 165 -13.11 2.28 -16.50
C ASP A 165 -13.91 3.12 -15.48
N GLY A 166 -13.76 4.45 -15.53
CA GLY A 166 -14.46 5.39 -14.64
C GLY A 166 -15.98 5.27 -14.76
N LEU A 167 -16.47 5.05 -15.98
CA LEU A 167 -17.91 4.91 -16.21
C LEU A 167 -18.44 3.61 -15.59
N GLY A 168 -17.67 2.53 -15.72
CA GLY A 168 -18.02 1.26 -15.09
C GLY A 168 -18.03 1.36 -13.57
N ALA A 169 -17.01 2.03 -13.01
CA ALA A 169 -16.98 2.27 -11.55
C ALA A 169 -18.17 3.14 -11.11
N SER A 170 -18.53 4.14 -11.91
CA SER A 170 -19.71 4.97 -11.62
C SER A 170 -20.99 4.10 -11.63
N LEU A 171 -21.12 3.16 -12.55
CA LEU A 171 -22.32 2.23 -12.51
C LEU A 171 -22.39 1.49 -11.17
N PHE A 172 -21.26 0.92 -10.77
CA PHE A 172 -21.17 0.16 -9.52
C PHE A 172 -21.52 1.04 -8.31
N PHE A 173 -20.85 2.20 -8.19
CA PHE A 173 -21.06 3.06 -7.03
C PHE A 173 -22.48 3.63 -7.02
N ASN A 174 -23.06 3.89 -8.19
CA ASN A 174 -24.44 4.39 -8.28
C ASN A 174 -25.43 3.29 -7.88
N ALA A 175 -25.10 2.04 -8.21
CA ALA A 175 -25.89 0.90 -7.75
C ALA A 175 -25.86 0.83 -6.22
N MET A 176 -24.66 0.90 -5.65
CA MET A 176 -24.53 0.97 -4.17
C MET A 176 -25.39 2.11 -3.61
N ALA A 177 -25.24 3.31 -4.20
CA ALA A 177 -25.87 4.54 -3.65
C ALA A 177 -27.39 4.45 -3.72
N GLU A 178 -27.93 3.89 -4.82
CA GLU A 178 -29.39 3.82 -4.94
C GLU A 178 -29.92 2.82 -3.91
N LEU A 179 -29.20 1.71 -3.68
CA LEU A 179 -29.56 0.79 -2.61
C LEU A 179 -29.48 1.50 -1.25
N ALA A 180 -28.46 2.32 -1.05
CA ALA A 180 -28.31 3.06 0.22
C ALA A 180 -29.51 4.00 0.46
N ARG A 181 -30.03 4.59 -0.62
CA ARG A 181 -31.19 5.49 -0.55
C ARG A 181 -32.51 4.72 -0.42
N GLY A 182 -32.49 3.38 -0.44
CA GLY A 182 -33.65 2.58 -0.16
C GLY A 182 -34.25 1.85 -1.37
N ALA A 183 -33.58 1.84 -2.52
CA ALA A 183 -34.09 1.09 -3.67
C ALA A 183 -34.17 -0.39 -3.30
N THR A 184 -35.22 -1.04 -3.80
CA THR A 184 -35.46 -2.43 -3.57
C THR A 184 -34.49 -3.29 -4.42
N LYS A 185 -34.12 -2.78 -5.58
CA LYS A 185 -33.17 -3.46 -6.44
C LYS A 185 -32.37 -2.43 -7.23
N ILE A 186 -31.25 -2.86 -7.83
CA ILE A 186 -30.46 -1.98 -8.67
C ILE A 186 -31.27 -1.75 -9.94
N SER A 187 -31.13 -0.58 -10.56
CA SER A 187 -31.99 -0.23 -11.66
C SER A 187 -31.41 -0.73 -13.01
N ILE A 188 -30.12 -1.06 -13.08
CA ILE A 188 -29.48 -1.55 -14.36
C ILE A 188 -28.71 -2.84 -14.06
N GLU A 189 -29.07 -3.96 -14.70
CA GLU A 189 -28.29 -5.20 -14.56
C GLU A 189 -26.95 -4.99 -15.25
N PRO A 190 -25.80 -5.18 -14.55
CA PRO A 190 -24.48 -5.07 -15.18
C PRO A 190 -24.27 -6.22 -16.17
N VAL A 191 -23.61 -5.90 -17.27
CA VAL A 191 -23.36 -6.81 -18.36
C VAL A 191 -21.88 -7.17 -18.31
N TRP A 192 -21.58 -8.45 -18.57
CA TRP A 192 -20.20 -8.87 -18.78
C TRP A 192 -19.98 -9.01 -20.30
N ASP A 193 -20.03 -10.23 -20.83
CA ASP A 193 -19.95 -10.44 -22.25
C ASP A 193 -18.71 -9.81 -22.89
N ARG A 194 -17.62 -9.76 -22.16
CA ARG A 194 -16.51 -8.92 -22.56
C ARG A 194 -15.85 -9.46 -23.84
N GLU A 195 -15.70 -10.78 -23.94
CA GLU A 195 -15.02 -11.34 -25.11
C GLU A 195 -15.95 -11.26 -26.34
N ARG A 196 -17.26 -11.42 -26.15
CA ARG A 196 -18.23 -11.32 -27.26
C ARG A 196 -18.25 -9.88 -27.82
N LEU A 197 -18.22 -8.89 -26.93
CA LEU A 197 -18.47 -7.51 -27.32
C LEU A 197 -17.21 -6.83 -27.86
N LEU A 198 -16.04 -7.14 -27.28
CA LEU A 198 -14.84 -6.41 -27.61
C LEU A 198 -13.69 -7.37 -27.98
N GLY A 199 -14.00 -8.58 -28.40
CA GLY A 199 -12.99 -9.54 -28.85
C GLY A 199 -12.33 -9.12 -30.15
N PRO A 200 -11.11 -9.59 -30.45
CA PRO A 200 -10.45 -9.24 -31.71
C PRO A 200 -11.11 -9.84 -32.97
N ARG A 201 -10.73 -9.33 -34.13
CA ARG A 201 -11.28 -9.87 -35.36
C ARG A 201 -10.53 -11.14 -35.76
N GLU A 202 -11.20 -11.97 -36.57
CA GLU A 202 -10.67 -13.30 -36.89
C GLU A 202 -9.35 -13.14 -37.64
N LYS A 203 -9.28 -12.12 -38.51
CA LYS A 203 -8.05 -11.73 -39.18
C LYS A 203 -7.68 -10.32 -38.72
N PRO A 204 -6.85 -10.17 -37.67
CA PRO A 204 -6.57 -8.84 -37.13
C PRO A 204 -6.05 -7.86 -38.18
N TRP A 205 -6.54 -6.62 -38.13
CA TRP A 205 -6.16 -5.55 -39.03
C TRP A 205 -6.01 -4.26 -38.24
N VAL A 206 -4.93 -3.52 -38.50
CA VAL A 206 -4.64 -2.33 -37.72
C VAL A 206 -4.30 -1.18 -38.66
N GLY A 207 -5.14 -0.14 -38.62
CA GLY A 207 -5.03 1.00 -39.51
C GLY A 207 -3.95 1.97 -39.09
N ALA A 208 -3.64 2.91 -39.99
CA ALA A 208 -2.59 3.89 -39.79
C ALA A 208 -2.81 4.72 -38.54
N PRO A 209 -4.04 5.17 -38.17
CA PRO A 209 -4.18 6.02 -36.98
C PRO A 209 -3.67 5.37 -35.68
N VAL A 210 -3.91 4.08 -35.50
CA VAL A 210 -3.39 3.37 -34.36
C VAL A 210 -1.88 3.11 -34.52
N ARG A 211 -1.45 2.68 -35.70
CA ARG A 211 0.00 2.41 -35.96
C ARG A 211 0.86 3.67 -35.77
N ASP A 212 0.33 4.84 -36.14
CA ASP A 212 1.08 6.06 -36.07
C ASP A 212 1.34 6.45 -34.61
N PHE A 213 0.42 6.03 -33.73
N PHE A 213 0.47 6.05 -33.67
CA PHE A 213 0.36 6.33 -32.30
CA PHE A 213 0.65 6.49 -32.28
C PHE A 213 1.32 5.43 -31.50
C PHE A 213 1.38 5.42 -31.45
N LEU A 214 1.30 4.14 -31.81
CA LEU A 214 1.89 3.09 -30.92
C LEU A 214 3.13 2.45 -31.51
N SER A 215 3.97 1.92 -30.62
CA SER A 215 5.21 1.29 -30.97
C SER A 215 5.40 0.04 -30.09
N LEU A 216 6.42 -0.76 -30.41
CA LEU A 216 6.69 -2.00 -29.69
C LEU A 216 8.09 -1.96 -29.08
N ASP A 217 8.18 -2.21 -27.78
CA ASP A 217 9.49 -2.29 -27.11
C ASP A 217 9.29 -3.10 -25.82
N LYS A 218 9.72 -4.35 -25.85
CA LYS A 218 9.61 -5.20 -24.64
C LYS A 218 10.44 -4.63 -23.47
N ASP A 219 11.36 -3.72 -23.74
CA ASP A 219 12.33 -3.23 -22.73
C ASP A 219 11.86 -1.89 -22.14
N PHE A 220 10.65 -1.42 -22.51
CA PHE A 220 10.20 -0.11 -22.08
C PHE A 220 9.05 -0.27 -21.10
N ASP A 221 9.17 0.37 -19.93
CA ASP A 221 8.07 0.43 -18.94
C ASP A 221 7.61 1.87 -18.88
N PRO A 222 6.41 2.21 -19.40
CA PRO A 222 5.93 3.59 -19.40
C PRO A 222 5.86 4.18 -17.99
N TYR A 223 5.65 3.34 -16.97
CA TYR A 223 5.51 3.83 -15.62
C TYR A 223 6.80 3.64 -14.80
N GLY A 224 7.91 3.30 -15.46
CA GLY A 224 9.18 3.08 -14.77
C GLY A 224 10.29 3.96 -15.29
N GLN A 225 9.94 5.08 -15.92
CA GLN A 225 10.89 5.96 -16.51
C GLN A 225 11.62 6.73 -15.39
N ALA A 226 12.89 7.04 -15.66
CA ALA A 226 13.79 7.70 -14.70
C ALA A 226 13.72 9.22 -14.88
N ILE A 227 12.63 9.84 -14.42
CA ILE A 227 12.40 11.25 -14.59
C ILE A 227 12.55 12.00 -13.27
N GLY A 228 12.87 11.29 -12.19
CA GLY A 228 12.96 11.85 -10.83
C GLY A 228 11.63 11.72 -10.11
N ASP A 229 11.53 12.32 -8.93
CA ASP A 229 10.37 12.20 -8.10
C ASP A 229 9.25 13.06 -8.72
N VAL A 230 8.09 12.44 -8.94
CA VAL A 230 6.91 13.12 -9.49
C VAL A 230 6.15 13.76 -8.32
N LYS A 231 5.95 15.09 -8.40
CA LYS A 231 5.24 15.84 -7.35
C LYS A 231 3.83 16.19 -7.82
N ARG A 232 2.93 16.36 -6.85
CA ARG A 232 1.55 16.71 -7.14
C ARG A 232 1.35 18.16 -6.72
N ASP A 233 0.70 18.97 -7.58
CA ASP A 233 0.30 20.33 -7.17
C ASP A 233 -1.08 20.64 -7.78
N CYS A 234 -1.76 21.62 -7.19
CA CYS A 234 -3.08 22.00 -7.56
C CYS A 234 -3.09 23.50 -7.86
N PHE A 235 -3.80 23.87 -8.91
CA PHE A 235 -3.95 25.24 -9.38
C PHE A 235 -5.45 25.50 -9.58
N PHE A 236 -5.95 26.58 -9.02
CA PHE A 236 -7.28 27.07 -9.33
C PHE A 236 -7.24 27.89 -10.62
N VAL A 237 -8.04 27.49 -11.60
CA VAL A 237 -8.10 28.20 -12.87
C VAL A 237 -9.50 28.88 -12.97
N THR A 238 -9.51 30.20 -13.15
CA THR A 238 -10.73 30.96 -13.24
C THR A 238 -11.37 30.86 -14.63
N ASP A 239 -12.71 30.84 -14.64
CA ASP A 239 -13.53 30.96 -15.85
C ASP A 239 -13.17 32.24 -16.61
N ASP A 240 -12.91 33.32 -15.87
CA ASP A 240 -12.52 34.59 -16.43
C ASP A 240 -11.25 34.46 -17.27
N SER A 241 -10.22 33.81 -16.69
CA SER A 241 -8.98 33.65 -17.36
C SER A 241 -9.19 32.85 -18.66
N LEU A 242 -10.02 31.80 -18.60
CA LEU A 242 -10.27 30.92 -19.74
C LEU A 242 -11.08 31.65 -20.82
N ASP A 243 -12.03 32.47 -20.41
CA ASP A 243 -12.77 33.32 -21.37
C ASP A 243 -11.80 34.27 -22.09
N GLN A 244 -10.87 34.89 -21.34
CA GLN A 244 -9.82 35.76 -21.93
C GLN A 244 -8.97 34.94 -22.92
N LEU A 245 -8.51 33.76 -22.52
CA LEU A 245 -7.66 32.90 -23.37
C LEU A 245 -8.38 32.60 -24.70
N LYS A 246 -9.64 32.22 -24.58
CA LYS A 246 -10.37 31.78 -25.77
C LYS A 246 -10.66 32.98 -26.70
N ALA A 247 -11.01 34.12 -26.13
CA ALA A 247 -11.24 35.32 -26.88
C ALA A 247 -9.95 35.77 -27.59
N GLN A 248 -8.80 35.69 -26.90
CA GLN A 248 -7.54 36.13 -27.51
C GLN A 248 -7.12 35.14 -28.61
N LEU A 249 -7.32 33.83 -28.43
CA LEU A 249 -7.06 32.86 -29.50
C LEU A 249 -7.97 33.13 -30.71
N LEU A 250 -9.23 33.49 -30.47
CA LEU A 250 -10.18 33.78 -31.58
C LEU A 250 -9.72 35.05 -32.33
N GLU A 251 -9.31 36.07 -31.60
CA GLU A 251 -8.87 37.32 -32.21
C GLU A 251 -7.64 37.05 -33.09
N LYS A 252 -6.71 36.20 -32.63
CA LYS A 252 -5.45 36.00 -33.34
C LYS A 252 -5.61 35.04 -34.53
N SER A 253 -6.53 34.07 -34.46
CA SER A 253 -6.55 32.93 -35.39
C SER A 253 -7.86 32.83 -36.19
N GLY A 254 -8.93 33.47 -35.73
CA GLY A 254 -10.25 33.24 -36.31
C GLY A 254 -10.91 31.95 -35.80
N LEU A 255 -10.22 31.17 -34.96
CA LEU A 255 -10.65 29.83 -34.61
C LEU A 255 -11.22 29.79 -33.18
N ASN A 256 -12.20 28.91 -33.01
CA ASN A 256 -12.89 28.69 -31.73
C ASN A 256 -12.29 27.46 -31.04
N PHE A 257 -11.96 27.57 -29.74
CA PHE A 257 -11.40 26.49 -28.98
C PHE A 257 -12.20 26.29 -27.69
N THR A 258 -12.31 25.01 -27.30
CA THR A 258 -12.92 24.65 -26.02
C THR A 258 -11.88 24.94 -24.92
N THR A 259 -12.35 24.92 -23.67
CA THR A 259 -11.45 24.98 -22.53
C THR A 259 -10.42 23.85 -22.62
N PHE A 260 -10.88 22.62 -22.89
CA PHE A 260 -10.00 21.47 -22.91
C PHE A 260 -8.88 21.68 -23.95
N GLU A 261 -9.25 22.17 -25.14
CA GLU A 261 -8.27 22.40 -26.21
C GLU A 261 -7.27 23.49 -25.82
N ALA A 262 -7.77 24.61 -25.31
CA ALA A 262 -6.96 25.83 -25.10
C ALA A 262 -6.12 25.68 -23.83
N LEU A 263 -6.78 25.32 -22.72
CA LEU A 263 -6.05 25.11 -21.47
C LEU A 263 -5.13 23.89 -21.60
N GLY A 264 -5.60 22.82 -22.24
CA GLY A 264 -4.79 21.65 -22.58
C GLY A 264 -3.49 22.04 -23.29
N ALA A 265 -3.62 22.88 -24.32
CA ALA A 265 -2.46 23.33 -25.11
C ALA A 265 -1.48 24.10 -24.22
N TYR A 266 -1.99 25.02 -23.39
CA TYR A 266 -1.17 25.86 -22.54
C TYR A 266 -0.41 24.99 -21.54
N ILE A 267 -1.11 24.05 -20.90
CA ILE A 267 -0.47 23.23 -19.89
C ILE A 267 0.56 22.30 -20.54
N TRP A 268 0.19 21.72 -21.67
CA TRP A 268 1.09 20.80 -22.36
C TRP A 268 2.40 21.52 -22.74
N ARG A 269 2.27 22.67 -23.40
CA ARG A 269 3.44 23.49 -23.74
C ARG A 269 4.25 23.79 -22.48
N ALA A 270 3.59 24.24 -21.42
CA ALA A 270 4.32 24.68 -20.22
C ALA A 270 5.15 23.53 -19.65
N LYS A 271 4.54 22.34 -19.62
CA LYS A 271 5.15 21.20 -19.00
C LYS A 271 6.36 20.71 -19.81
N VAL A 272 6.21 20.66 -21.13
CA VAL A 272 7.28 20.17 -21.98
C VAL A 272 8.46 21.16 -21.97
N ARG A 273 8.14 22.44 -21.99
CA ARG A 273 9.14 23.52 -21.84
C ARG A 273 9.88 23.36 -20.49
N ALA A 274 9.09 23.20 -19.42
CA ALA A 274 9.66 23.10 -18.05
C ALA A 274 10.54 21.85 -17.87
N ALA A 275 10.21 20.75 -18.56
CA ALA A 275 10.98 19.50 -18.47
C ALA A 275 12.26 19.54 -19.32
N LYS A 276 12.45 20.62 -20.10
CA LYS A 276 13.61 20.78 -21.03
C LYS A 276 13.75 19.56 -21.95
N THR A 277 12.63 19.08 -22.49
CA THR A 277 12.57 17.94 -23.42
C THR A 277 13.39 18.31 -24.66
N GLU A 278 14.20 17.35 -25.15
CA GLU A 278 15.05 17.56 -26.34
C GLU A 278 14.17 17.99 -27.50
N GLU A 279 14.73 18.80 -28.40
CA GLU A 279 13.93 19.45 -29.46
C GLU A 279 13.23 18.46 -30.40
N LYS A 280 13.88 17.33 -30.69
CA LYS A 280 13.35 16.40 -31.70
C LYS A 280 12.66 15.19 -31.05
N GLU A 281 12.50 15.21 -29.73
CA GLU A 281 11.71 14.17 -29.04
C GLU A 281 10.22 14.31 -29.41
N ASN A 282 9.62 13.20 -29.82
CA ASN A 282 8.20 13.17 -30.10
C ASN A 282 7.46 13.20 -28.76
N VAL A 283 6.52 14.13 -28.57
CA VAL A 283 5.74 14.20 -27.35
C VAL A 283 4.26 14.07 -27.73
N LYS A 284 3.45 13.62 -26.76
CA LYS A 284 2.08 13.28 -27.03
C LYS A 284 1.17 13.79 -25.91
N PHE A 285 0.05 14.32 -26.34
CA PHE A 285 -1.09 14.68 -25.53
C PHE A 285 -2.11 13.54 -25.67
N VAL A 286 -2.43 12.87 -24.56
CA VAL A 286 -3.31 11.70 -24.63
C VAL A 286 -4.49 11.86 -23.68
N TYR A 287 -5.67 11.48 -24.16
CA TYR A 287 -6.87 11.51 -23.37
C TYR A 287 -7.70 10.27 -23.73
N SER A 288 -8.66 9.95 -22.86
CA SER A 288 -9.49 8.76 -22.98
C SER A 288 -10.85 9.21 -23.47
N ILE A 289 -11.45 8.49 -24.42
CA ILE A 289 -12.81 8.80 -24.84
C ILE A 289 -13.69 7.55 -24.72
N ASN A 290 -14.92 7.76 -24.26
CA ASN A 290 -15.95 6.70 -24.14
C ASN A 290 -16.43 6.29 -25.52
N ILE A 291 -16.27 5.02 -25.89
CA ILE A 291 -16.64 4.56 -27.24
C ILE A 291 -17.88 3.65 -27.23
N ARG A 292 -18.56 3.55 -26.09
CA ARG A 292 -19.69 2.59 -25.91
C ARG A 292 -20.73 2.81 -27.02
N ARG A 293 -21.03 4.09 -27.29
CA ARG A 293 -22.12 4.47 -28.23
C ARG A 293 -21.59 4.60 -29.66
N LEU A 294 -20.27 4.63 -29.82
CA LEU A 294 -19.60 4.82 -31.10
C LEU A 294 -19.50 3.48 -31.86
N MET A 295 -19.46 2.35 -31.13
CA MET A 295 -19.26 1.06 -31.75
C MET A 295 -20.55 0.68 -32.50
N ASN A 296 -20.40 -0.14 -33.54
CA ASN A 296 -21.51 -0.66 -34.31
C ASN A 296 -21.36 -2.17 -34.30
N PRO A 297 -22.19 -2.88 -33.53
CA PRO A 297 -23.20 -2.32 -32.67
C PRO A 297 -22.65 -1.77 -31.36
N PRO A 298 -23.43 -0.91 -30.67
CA PRO A 298 -22.95 -0.22 -29.50
C PRO A 298 -22.90 -1.18 -28.31
N LEU A 299 -22.05 -0.83 -27.35
CA LEU A 299 -22.00 -1.51 -26.09
C LEU A 299 -23.26 -1.16 -25.30
N PRO A 300 -23.79 -2.09 -24.48
CA PRO A 300 -24.96 -1.79 -23.67
C PRO A 300 -24.67 -0.84 -22.51
N LYS A 301 -25.71 -0.15 -22.05
CA LYS A 301 -25.57 0.78 -20.92
C LYS A 301 -24.93 0.09 -19.71
N GLY A 302 -25.28 -1.18 -19.49
CA GLY A 302 -24.76 -1.95 -18.32
C GLY A 302 -23.34 -2.49 -18.49
N TYR A 303 -22.66 -2.14 -19.58
CA TYR A 303 -21.30 -2.64 -19.81
C TYR A 303 -20.33 -1.86 -18.93
N TRP A 304 -19.80 -2.51 -17.90
CA TRP A 304 -19.02 -1.81 -16.88
C TRP A 304 -17.53 -2.10 -16.98
N GLY A 305 -17.10 -2.91 -17.93
CA GLY A 305 -15.69 -3.02 -18.23
C GLY A 305 -15.16 -1.78 -18.91
N ASN A 306 -13.87 -1.80 -19.27
CA ASN A 306 -13.30 -0.68 -19.92
C ASN A 306 -13.96 -0.52 -21.30
N GLY A 307 -14.49 0.67 -21.56
CA GLY A 307 -15.21 0.98 -22.75
C GLY A 307 -14.77 2.30 -23.35
N CYS A 308 -13.49 2.60 -23.14
CA CYS A 308 -12.80 3.81 -23.57
C CYS A 308 -11.53 3.42 -24.35
N VAL A 309 -11.11 4.28 -25.29
CA VAL A 309 -9.83 4.15 -25.97
C VAL A 309 -9.08 5.46 -25.81
N PRO A 310 -7.74 5.42 -25.80
CA PRO A 310 -6.95 6.65 -25.80
C PRO A 310 -6.88 7.25 -27.21
N MET A 311 -6.98 8.58 -27.25
CA MET A 311 -6.77 9.38 -28.44
C MET A 311 -5.53 10.23 -28.18
N TYR A 312 -4.91 10.70 -29.26
N TYR A 312 -4.83 10.59 -29.27
CA TYR A 312 -3.64 11.33 -29.13
CA TYR A 312 -3.51 11.20 -29.20
C TYR A 312 -3.50 12.46 -30.14
C TYR A 312 -3.42 12.39 -30.16
N ALA A 313 -2.70 13.43 -29.72
CA ALA A 313 -2.03 14.39 -30.64
C ALA A 313 -0.54 14.26 -30.40
N GLN A 314 0.24 14.34 -31.48
CA GLN A 314 1.68 14.19 -31.34
C GLN A 314 2.40 15.26 -32.17
N ILE A 315 3.56 15.64 -31.67
CA ILE A 315 4.36 16.72 -32.23
C ILE A 315 5.78 16.59 -31.67
N LYS A 316 6.78 17.12 -32.41
CA LYS A 316 8.12 17.22 -31.85
C LYS A 316 8.10 18.30 -30.74
N ALA A 317 8.84 18.06 -29.65
CA ALA A 317 8.85 18.95 -28.51
C ALA A 317 9.23 20.39 -28.90
N GLY A 318 10.29 20.52 -29.72
CA GLY A 318 10.76 21.86 -30.16
C GLY A 318 9.67 22.66 -30.86
N GLU A 319 8.82 21.99 -31.63
CA GLU A 319 7.72 22.62 -32.30
C GLU A 319 6.63 23.00 -31.28
N LEU A 320 6.27 22.07 -30.37
CA LEU A 320 5.29 22.42 -29.36
C LEU A 320 5.70 23.67 -28.57
N ILE A 321 6.97 23.75 -28.18
CA ILE A 321 7.36 24.79 -27.25
C ILE A 321 7.45 26.17 -27.94
N GLU A 322 7.58 26.22 -29.28
CA GLU A 322 7.79 27.52 -29.97
C GLU A 322 6.67 27.89 -30.98
N GLN A 323 5.78 26.97 -31.32
CA GLN A 323 4.67 27.30 -32.23
C GLN A 323 3.56 27.98 -31.43
N PRO A 324 2.69 28.78 -32.09
CA PRO A 324 1.63 29.45 -31.35
C PRO A 324 0.65 28.48 -30.69
N ILE A 325 0.08 28.91 -29.56
CA ILE A 325 -0.90 28.11 -28.86
C ILE A 325 -2.09 27.78 -29.77
N TRP A 326 -2.48 28.66 -30.71
CA TRP A 326 -3.65 28.34 -31.52
C TRP A 326 -3.37 27.12 -32.42
N LYS A 327 -2.12 26.88 -32.81
CA LYS A 327 -1.78 25.71 -33.63
C LYS A 327 -1.85 24.42 -32.80
N THR A 328 -1.35 24.50 -31.56
CA THR A 328 -1.38 23.40 -30.64
C THR A 328 -2.83 23.05 -30.27
N ALA A 329 -3.65 24.06 -30.01
CA ALA A 329 -5.02 23.84 -29.63
C ALA A 329 -5.77 23.20 -30.83
N GLU A 330 -5.42 23.61 -32.05
CA GLU A 330 -6.05 23.04 -33.26
C GLU A 330 -5.62 21.58 -33.44
N LEU A 331 -4.39 21.22 -33.06
CA LEU A 331 -3.92 19.80 -33.12
C LEU A 331 -4.76 18.93 -32.17
N ILE A 332 -4.97 19.44 -30.96
CA ILE A 332 -5.79 18.77 -29.98
C ILE A 332 -7.22 18.66 -30.49
N LYS A 333 -7.79 19.75 -31.00
CA LYS A 333 -9.14 19.72 -31.56
C LYS A 333 -9.24 18.61 -32.62
N GLN A 334 -8.27 18.58 -33.55
CA GLN A 334 -8.34 17.66 -34.68
C GLN A 334 -8.09 16.20 -34.24
N SER A 335 -7.49 15.96 -33.06
CA SER A 335 -7.25 14.59 -32.56
C SER A 335 -8.54 13.77 -32.51
N LYS A 336 -9.68 14.42 -32.23
CA LYS A 336 -10.92 13.69 -31.99
C LYS A 336 -11.42 13.07 -33.29
N SER A 337 -10.91 13.52 -34.43
CA SER A 337 -11.34 13.06 -35.76
C SER A 337 -10.89 11.62 -36.04
N ASN A 338 -9.93 11.10 -35.25
CA ASN A 338 -9.55 9.73 -35.41
C ASN A 338 -10.56 8.79 -34.73
N THR A 339 -11.49 9.33 -33.93
CA THR A 339 -12.39 8.52 -33.16
C THR A 339 -13.46 7.86 -34.04
N SER A 340 -13.39 6.54 -34.18
CA SER A 340 -14.33 5.82 -35.05
C SER A 340 -14.42 4.39 -34.53
N ASP A 341 -15.41 3.65 -35.04
CA ASP A 341 -15.55 2.24 -34.77
C ASP A 341 -14.24 1.54 -35.15
N GLU A 342 -13.71 1.87 -36.34
CA GLU A 342 -12.49 1.23 -36.84
C GLU A 342 -11.27 1.53 -35.95
N TYR A 343 -11.13 2.76 -35.47
CA TYR A 343 -10.07 3.10 -34.58
C TYR A 343 -10.06 2.13 -33.40
N VAL A 344 -11.23 1.91 -32.80
CA VAL A 344 -11.36 0.99 -31.69
C VAL A 344 -11.00 -0.45 -32.13
N ARG A 345 -11.56 -0.94 -33.25
CA ARG A 345 -11.27 -2.30 -33.71
C ARG A 345 -9.77 -2.49 -33.99
N SER A 346 -9.16 -1.47 -34.60
CA SER A 346 -7.70 -1.42 -34.89
C SER A 346 -6.91 -1.55 -33.58
N PHE A 347 -7.34 -0.76 -32.58
CA PHE A 347 -6.68 -0.75 -31.25
C PHE A 347 -6.73 -2.14 -30.61
N ILE A 348 -7.89 -2.80 -30.67
CA ILE A 348 -8.06 -4.11 -30.12
C ILE A 348 -7.21 -5.12 -30.89
N ASP A 349 -7.22 -5.03 -32.22
CA ASP A 349 -6.50 -5.98 -33.03
C ASP A 349 -5.00 -5.85 -32.79
N PHE A 350 -4.54 -4.62 -32.53
CA PHE A 350 -3.12 -4.40 -32.25
C PHE A 350 -2.72 -5.07 -30.91
N GLN A 351 -3.59 -4.96 -29.91
CA GLN A 351 -3.39 -5.70 -28.63
C GLN A 351 -3.38 -7.21 -28.88
N GLU A 352 -4.27 -7.73 -29.73
CA GLU A 352 -4.29 -9.15 -30.05
C GLU A 352 -2.95 -9.57 -30.66
N LEU A 353 -2.43 -8.76 -31.60
CA LEU A 353 -1.21 -9.14 -32.35
C LEU A 353 0.06 -8.97 -31.51
N HIS A 354 0.08 -8.05 -30.54
CA HIS A 354 1.36 -7.60 -29.96
C HIS A 354 1.34 -7.39 -28.45
N HIS A 355 0.38 -7.95 -27.72
CA HIS A 355 0.34 -7.75 -26.25
C HIS A 355 1.69 -8.18 -25.64
N LYS A 356 2.29 -9.26 -26.15
CA LYS A 356 3.60 -9.78 -25.67
C LYS A 356 4.80 -8.89 -26.08
N ASP A 357 4.58 -7.91 -26.97
CA ASP A 357 5.69 -7.22 -27.61
C ASP A 357 5.93 -5.83 -27.02
N GLY A 358 5.22 -5.49 -25.93
CA GLY A 358 5.43 -4.22 -25.24
C GLY A 358 4.86 -3.04 -26.01
N ILE A 359 3.54 -3.05 -26.21
CA ILE A 359 2.83 -1.98 -26.87
C ILE A 359 2.92 -0.69 -26.04
N ASN A 360 3.30 0.43 -26.66
CA ASN A 360 3.49 1.64 -25.88
C ASN A 360 3.38 2.87 -26.78
N ALA A 361 3.15 4.04 -26.16
CA ALA A 361 3.08 5.32 -26.88
C ALA A 361 4.34 6.15 -26.64
N GLY A 362 5.37 5.56 -26.03
CA GLY A 362 6.70 6.14 -25.98
C GLY A 362 6.91 7.01 -24.75
N THR A 363 8.04 7.69 -24.74
CA THR A 363 8.39 8.66 -23.73
C THR A 363 7.58 9.93 -24.08
N GLY A 364 7.57 10.89 -23.18
CA GLY A 364 6.92 12.18 -23.48
C GLY A 364 5.43 12.14 -23.64
N VAL A 365 4.73 11.21 -22.98
CA VAL A 365 3.28 11.21 -23.00
C VAL A 365 2.78 12.02 -21.80
N THR A 366 1.95 13.03 -22.05
CA THR A 366 1.24 13.74 -20.98
C THR A 366 -0.23 13.37 -21.08
N GLY A 367 -0.76 12.75 -20.02
CA GLY A 367 -2.15 12.35 -20.02
C GLY A 367 -3.04 13.46 -19.46
N PHE A 368 -4.23 13.65 -20.02
CA PHE A 368 -5.17 14.64 -19.53
C PHE A 368 -6.50 13.93 -19.26
N THR A 369 -7.10 14.21 -18.09
CA THR A 369 -8.40 13.68 -17.72
C THR A 369 -9.31 14.84 -17.31
N ASP A 370 -10.48 14.92 -17.94
CA ASP A 370 -11.42 16.00 -17.69
C ASP A 370 -12.60 15.45 -16.90
N TRP A 371 -12.69 15.83 -15.62
CA TRP A 371 -13.76 15.37 -14.73
C TRP A 371 -14.82 16.44 -14.49
N ARG A 372 -14.74 17.57 -15.21
CA ARG A 372 -15.67 18.66 -14.92
C ARG A 372 -17.11 18.20 -15.23
N TYR A 373 -17.28 17.43 -16.30
CA TYR A 373 -18.64 17.20 -16.81
C TYR A 373 -18.95 15.70 -16.64
N LEU A 374 -19.13 15.33 -15.37
CA LEU A 374 -19.65 14.01 -15.00
C LEU A 374 -20.59 14.20 -13.80
N GLY A 375 -21.44 13.19 -13.57
CA GLY A 375 -22.50 13.23 -12.54
C GLY A 375 -22.02 12.75 -11.18
N HIS A 376 -21.01 13.46 -10.64
CA HIS A 376 -20.32 13.12 -9.38
C HIS A 376 -21.37 13.03 -8.26
N SER A 377 -22.40 13.87 -8.39
CA SER A 377 -23.39 14.22 -7.37
C SER A 377 -24.47 13.15 -7.19
N THR A 378 -24.61 12.17 -8.11
CA THR A 378 -25.61 11.07 -7.91
C THR A 378 -25.05 9.99 -6.97
N ILE A 379 -23.77 10.02 -6.67
CA ILE A 379 -23.21 9.07 -5.73
C ILE A 379 -23.50 9.62 -4.33
N ASP A 380 -24.75 9.42 -3.90
CA ASP A 380 -25.31 9.99 -2.71
C ASP A 380 -25.80 8.82 -1.84
N PHE A 381 -25.14 8.62 -0.71
CA PHE A 381 -25.42 7.52 0.21
C PHE A 381 -26.42 7.95 1.30
N GLY A 382 -26.85 9.21 1.27
CA GLY A 382 -27.74 9.73 2.30
C GLY A 382 -27.22 11.05 2.88
N TRP A 383 -25.98 11.42 2.58
CA TRP A 383 -25.37 12.61 3.11
C TRP A 383 -25.21 13.66 2.01
N GLY A 384 -25.85 13.44 0.87
CA GLY A 384 -25.68 14.28 -0.29
C GLY A 384 -24.55 13.81 -1.20
N GLY A 385 -24.42 14.52 -2.32
CA GLY A 385 -23.37 14.34 -3.24
C GLY A 385 -22.03 14.75 -2.63
N PRO A 386 -20.90 14.27 -3.17
CA PRO A 386 -19.60 14.66 -2.65
C PRO A 386 -19.38 16.18 -2.81
N VAL A 387 -18.68 16.76 -1.85
CA VAL A 387 -18.31 18.16 -1.93
C VAL A 387 -17.01 18.32 -2.74
N THR A 388 -16.18 17.27 -2.77
CA THR A 388 -14.92 17.29 -3.50
C THR A 388 -14.59 15.86 -3.92
N VAL A 389 -13.88 15.75 -5.04
CA VAL A 389 -13.38 14.49 -5.57
C VAL A 389 -11.89 14.67 -5.92
N LEU A 390 -11.06 13.69 -5.58
CA LEU A 390 -9.61 13.83 -5.77
C LEU A 390 -9.00 12.50 -6.20
N PRO A 391 -8.30 12.48 -7.36
CA PRO A 391 -7.57 11.30 -7.79
C PRO A 391 -6.16 11.36 -7.20
N LEU A 392 -5.69 10.25 -6.65
CA LEU A 392 -4.37 10.22 -6.07
C LEU A 392 -3.36 9.56 -7.00
N SER A 393 -3.84 8.83 -8.00
CA SER A 393 -2.99 8.04 -8.89
C SER A 393 -2.23 8.96 -9.87
N ASN A 394 -0.94 8.63 -10.14
CA ASN A 394 -0.07 9.42 -11.05
C ASN A 394 0.41 8.54 -12.23
N LYS A 395 -0.14 7.34 -12.39
CA LYS A 395 0.19 6.45 -13.49
C LYS A 395 -1.09 6.14 -14.28
N LEU A 396 -1.24 6.82 -15.41
CA LEU A 396 -2.45 6.75 -16.21
C LEU A 396 -2.10 7.10 -17.66
N LEU A 397 -2.82 6.49 -18.63
CA LEU A 397 -2.75 6.81 -20.08
C LEU A 397 -1.32 6.66 -20.64
N GLY A 398 -0.50 5.82 -20.00
CA GLY A 398 0.91 5.65 -20.39
C GLY A 398 1.78 6.83 -20.00
N SER A 399 1.30 7.66 -19.06
CA SER A 399 1.96 8.85 -18.58
C SER A 399 2.31 8.66 -17.10
N MET A 400 3.47 9.17 -16.69
CA MET A 400 3.82 9.26 -15.27
C MET A 400 3.49 10.67 -14.73
N GLU A 401 2.94 11.54 -15.58
CA GLU A 401 2.72 12.93 -15.22
C GLU A 401 1.34 13.36 -15.69
N PRO A 402 0.27 12.63 -15.31
CA PRO A 402 -1.07 13.00 -15.75
C PRO A 402 -1.65 14.23 -15.03
N CYS A 403 -2.53 14.92 -15.76
CA CYS A 403 -3.18 16.13 -15.36
C CYS A 403 -4.69 15.85 -15.30
N PHE A 404 -5.36 16.42 -14.29
CA PHE A 404 -6.80 16.27 -14.09
C PHE A 404 -7.46 17.66 -14.02
N PHE A 405 -8.53 17.89 -14.81
CA PHE A 405 -9.43 19.01 -14.55
C PHE A 405 -10.55 18.54 -13.61
N LEU A 406 -10.60 19.09 -12.40
CA LEU A 406 -11.52 18.58 -11.37
C LEU A 406 -12.86 19.30 -11.49
N PRO A 407 -13.98 18.71 -10.99
CA PRO A 407 -15.29 19.34 -11.15
C PRO A 407 -15.36 20.68 -10.44
N TYR A 408 -16.23 21.55 -10.96
CA TYR A 408 -16.65 22.76 -10.27
C TYR A 408 -17.24 22.36 -8.90
N SER A 409 -16.84 23.08 -7.84
CA SER A 409 -17.48 22.97 -6.52
C SER A 409 -18.84 23.68 -6.55
N THR A 410 -19.72 23.39 -5.60
CA THR A 410 -21.04 24.05 -5.55
C THR A 410 -20.88 25.54 -5.22
N ASP A 411 -19.83 25.89 -4.47
CA ASP A 411 -19.48 27.29 -4.12
C ASP A 411 -19.20 28.12 -5.39
N ALA A 412 -18.76 27.48 -6.49
CA ALA A 412 -18.44 28.18 -7.75
C ALA A 412 -19.71 28.73 -8.40
N ALA A 413 -20.81 27.94 -8.40
CA ALA A 413 -22.12 28.38 -8.92
C ALA A 413 -22.83 29.35 -7.96
N ALA A 414 -22.50 29.29 -6.67
CA ALA A 414 -23.12 30.18 -5.67
C ALA A 414 -22.45 31.55 -5.66
N GLY A 415 -21.21 31.62 -6.16
CA GLY A 415 -20.34 32.80 -6.01
C GLY A 415 -20.45 33.75 -7.19
N SER A 416 -19.52 34.71 -7.27
CA SER A 416 -19.48 35.69 -8.38
C SER A 416 -18.89 35.04 -9.64
N LYS A 417 -19.15 35.64 -10.80
CA LYS A 417 -18.56 35.19 -12.08
C LYS A 417 -17.02 35.25 -12.00
N LYS A 418 -16.47 36.32 -11.40
CA LYS A 418 -15.00 36.54 -11.37
C LYS A 418 -14.29 35.59 -10.39
N ASP A 419 -15.06 34.91 -9.52
CA ASP A 419 -14.55 33.92 -8.54
C ASP A 419 -14.70 32.48 -9.06
N SER A 420 -15.51 32.30 -10.11
CA SER A 420 -15.86 30.98 -10.62
C SER A 420 -14.65 30.33 -11.34
N GLY A 421 -14.48 29.03 -11.13
CA GLY A 421 -13.37 28.27 -11.70
C GLY A 421 -13.35 26.84 -11.19
N PHE A 422 -12.29 26.12 -11.57
CA PHE A 422 -12.09 24.73 -11.15
C PHE A 422 -10.60 24.49 -10.90
N LYS A 423 -10.32 23.45 -10.10
CA LYS A 423 -8.95 23.06 -9.81
C LYS A 423 -8.40 22.14 -10.91
N VAL A 424 -7.13 22.35 -11.22
CA VAL A 424 -6.34 21.49 -12.07
C VAL A 424 -5.28 20.84 -11.19
N LEU A 425 -5.30 19.52 -11.19
CA LEU A 425 -4.33 18.73 -10.45
C LEU A 425 -3.25 18.29 -11.43
N VAL A 426 -2.01 18.64 -11.15
CA VAL A 426 -0.93 18.29 -12.03
C VAL A 426 0.04 17.36 -11.28
N ASN A 427 0.53 16.35 -12.01
CA ASN A 427 1.62 15.50 -11.57
C ASN A 427 2.80 15.81 -12.49
N LEU A 428 3.93 16.19 -11.91
CA LEU A 428 5.08 16.62 -12.70
C LEU A 428 6.36 16.35 -11.93
N ARG A 429 7.40 15.96 -12.69
CA ARG A 429 8.71 15.70 -12.08
C ARG A 429 9.15 16.95 -11.32
N GLU A 430 9.80 16.72 -10.17
CA GLU A 430 10.19 17.75 -9.25
C GLU A 430 10.99 18.87 -9.94
N SER A 431 11.94 18.51 -10.81
CA SER A 431 12.87 19.46 -11.39
C SER A 431 12.15 20.49 -12.28
N ALA A 432 10.97 20.12 -12.81
CA ALA A 432 10.19 20.94 -13.75
C ALA A 432 9.14 21.79 -13.03
N MET A 433 8.85 21.48 -11.76
CA MET A 433 7.72 22.09 -11.10
C MET A 433 7.95 23.58 -10.88
N PRO A 434 9.15 24.10 -10.50
CA PRO A 434 9.31 25.54 -10.29
C PRO A 434 8.90 26.38 -11.53
N GLU A 435 9.37 25.99 -12.70
CA GLU A 435 9.05 26.72 -13.91
C GLU A 435 7.57 26.54 -14.25
N PHE A 436 7.03 25.33 -14.06
CA PHE A 436 5.61 25.09 -14.36
C PHE A 436 4.74 26.01 -13.48
N LYS A 437 5.10 26.15 -12.21
CA LYS A 437 4.31 27.01 -11.32
C LYS A 437 4.33 28.46 -11.82
N GLU A 438 5.50 28.92 -12.25
CA GLU A 438 5.65 30.24 -12.82
C GLU A 438 4.75 30.39 -14.06
N ALA A 439 4.74 29.38 -14.93
CA ALA A 439 3.86 29.42 -16.12
C ALA A 439 2.39 29.55 -15.70
N MET A 440 2.01 28.85 -14.61
CA MET A 440 0.60 28.89 -14.21
C MET A 440 0.29 30.24 -13.53
N ASP A 441 1.28 30.86 -12.87
CA ASP A 441 1.10 32.18 -12.30
C ASP A 441 0.88 33.21 -13.41
N LYS A 442 1.67 33.12 -14.48
CA LYS A 442 1.51 34.02 -15.66
C LYS A 442 0.12 33.82 -16.28
N PHE A 443 -0.33 32.57 -16.40
CA PHE A 443 -1.67 32.23 -16.87
C PHE A 443 -2.71 32.98 -16.04
N HIS A 444 -2.61 32.85 -14.72
CA HIS A 444 -3.52 33.48 -13.77
C HIS A 444 -3.53 35.01 -13.95
N LYS A 445 -2.37 35.59 -14.30
CA LYS A 445 -2.24 37.03 -14.58
C LYS A 445 -2.65 37.41 -16.00
N GLY A 446 -3.08 36.45 -16.83
CA GLY A 446 -3.43 36.70 -18.22
C GLY A 446 -2.24 37.01 -19.10
N GLU A 447 -1.02 36.59 -18.71
CA GLU A 447 0.19 36.77 -19.56
C GLU A 447 0.45 35.44 -20.28
N PHE A 448 -0.38 35.16 -21.28
CA PHE A 448 -0.48 33.83 -21.87
C PHE A 448 0.67 33.53 -22.85
N ALA A 449 1.39 34.58 -23.29
CA ALA A 449 2.44 34.45 -24.31
C ALA A 449 2.04 33.46 -25.42
N LEU A 450 1.00 33.77 -26.15
CA LEU A 450 0.35 32.83 -27.04
C LEU A 450 1.21 32.53 -28.28
N SER A 451 2.03 33.47 -28.78
CA SER A 451 2.88 33.10 -29.95
C SER A 451 4.36 33.15 -29.56
N ALA B 2 1.69 -35.66 16.47
CA ALA B 2 2.23 -35.59 15.07
C ALA B 2 3.76 -35.50 15.10
N THR B 3 4.38 -35.79 13.94
CA THR B 3 5.83 -35.82 13.79
C THR B 3 6.19 -35.00 12.55
N LEU B 4 7.09 -34.02 12.71
CA LEU B 4 7.65 -33.25 11.61
C LEU B 4 9.01 -33.85 11.21
N GLU B 5 9.20 -34.11 9.92
CA GLU B 5 10.44 -34.64 9.39
C GLU B 5 10.88 -33.78 8.19
N ILE B 6 12.20 -33.64 8.03
CA ILE B 6 12.81 -32.88 6.96
C ILE B 6 13.15 -33.85 5.82
N THR B 7 12.64 -33.55 4.61
CA THR B 7 12.79 -34.41 3.44
C THR B 7 14.11 -34.08 2.74
N ASP B 8 14.52 -32.80 2.74
CA ASP B 8 15.77 -32.35 2.11
C ASP B 8 15.95 -30.85 2.37
N ILE B 9 17.14 -30.34 2.06
CA ILE B 9 17.47 -28.93 2.18
C ILE B 9 18.09 -28.45 0.86
N ALA B 10 17.35 -27.60 0.14
CA ALA B 10 17.78 -27.02 -1.11
C ALA B 10 18.58 -25.73 -0.81
N LEU B 11 19.72 -25.55 -1.49
CA LEU B 11 20.47 -24.29 -1.41
C LEU B 11 20.20 -23.49 -2.70
N VAL B 12 19.33 -22.47 -2.59
CA VAL B 12 18.83 -21.74 -3.74
C VAL B 12 19.72 -20.53 -4.01
N GLN B 13 20.28 -20.51 -5.23
CA GLN B 13 21.09 -19.40 -5.72
C GLN B 13 20.22 -18.51 -6.59
N PRO B 14 20.64 -17.25 -6.84
CA PRO B 14 19.92 -16.38 -7.76
C PRO B 14 19.80 -17.07 -9.13
N SER B 15 18.64 -16.91 -9.78
CA SER B 15 18.34 -17.53 -11.08
C SER B 15 19.44 -17.17 -12.10
N HIS B 16 19.87 -15.91 -12.06
CA HIS B 16 20.95 -15.35 -12.86
C HIS B 16 21.90 -14.64 -11.91
N GLN B 17 23.21 -14.90 -12.03
CA GLN B 17 24.17 -14.40 -11.07
C GLN B 17 24.23 -12.87 -11.18
N PRO B 18 23.85 -12.11 -10.12
CA PRO B 18 24.01 -10.66 -10.14
C PRO B 18 25.46 -10.22 -9.90
N LEU B 19 26.26 -11.12 -9.29
CA LEU B 19 27.66 -10.85 -8.86
C LEU B 19 28.66 -11.58 -9.78
N SER B 20 29.51 -10.79 -10.45
CA SER B 20 30.78 -11.26 -11.01
C SER B 20 31.86 -11.13 -9.93
N ASN B 21 31.86 -9.95 -9.29
CA ASN B 21 32.88 -9.53 -8.33
C ASN B 21 32.24 -9.51 -6.93
N ASP B 22 33.05 -9.88 -5.93
CA ASP B 22 32.70 -9.85 -4.51
C ASP B 22 32.39 -8.41 -4.09
N GLN B 23 31.58 -8.25 -3.04
CA GLN B 23 31.39 -6.96 -2.43
C GLN B 23 31.00 -7.12 -0.96
N THR B 24 31.51 -6.17 -0.17
CA THR B 24 31.15 -5.96 1.20
C THR B 24 30.18 -4.79 1.24
N LEU B 25 28.97 -5.04 1.73
CA LEU B 25 27.94 -4.01 1.90
C LEU B 25 28.00 -3.50 3.35
N SER B 26 28.04 -2.17 3.51
CA SER B 26 27.88 -1.52 4.82
C SER B 26 26.40 -1.60 5.23
N LEU B 27 26.16 -1.79 6.52
CA LEU B 27 24.83 -1.69 7.09
C LEU B 27 24.70 -0.34 7.78
N SER B 28 23.46 0.11 8.01
CA SER B 28 23.22 1.37 8.69
C SER B 28 23.43 1.20 10.21
N HIS B 29 23.38 2.34 10.91
CA HIS B 29 23.45 2.36 12.34
C HIS B 29 22.14 1.86 12.92
N LEU B 30 21.03 1.92 12.15
CA LEU B 30 19.78 1.33 12.59
C LEU B 30 19.91 -0.19 12.54
N ASP B 31 20.54 -0.69 11.47
CA ASP B 31 20.75 -2.11 11.23
C ASP B 31 21.64 -2.72 12.33
N ASN B 32 22.66 -1.96 12.77
CA ASN B 32 23.75 -2.44 13.63
C ASN B 32 23.44 -2.22 15.12
N ASP B 33 22.24 -1.73 15.43
CA ASP B 33 21.74 -1.65 16.81
C ASP B 33 21.84 -3.04 17.48
N ASN B 34 22.48 -3.15 18.66
CA ASN B 34 22.72 -4.48 19.33
C ASN B 34 21.42 -5.19 19.73
N ASN B 35 20.30 -4.45 19.86
CA ASN B 35 18.97 -5.03 20.14
C ASN B 35 18.40 -5.84 18.93
N LEU B 36 19.05 -5.69 17.76
CA LEU B 36 18.65 -6.33 16.50
C LEU B 36 19.55 -7.53 16.17
N HIS B 37 20.40 -7.93 17.13
CA HIS B 37 21.24 -9.12 16.97
C HIS B 37 20.42 -10.37 17.25
N VAL B 38 19.38 -10.61 16.44
CA VAL B 38 18.47 -11.75 16.67
C VAL B 38 17.99 -12.26 15.31
N SER B 39 17.81 -13.58 15.22
CA SER B 39 17.15 -14.19 14.06
C SER B 39 15.64 -14.08 14.25
N PHE B 40 14.96 -13.24 13.46
CA PHE B 40 13.54 -13.08 13.60
C PHE B 40 12.83 -14.23 12.88
N ARG B 41 11.95 -14.93 13.61
CA ARG B 41 11.31 -16.17 13.16
C ARG B 41 9.79 -16.00 13.07
N TYR B 42 9.25 -16.26 11.87
CA TYR B 42 7.91 -15.89 11.42
C TYR B 42 7.37 -16.98 10.49
N LEU B 43 6.09 -17.35 10.67
CA LEU B 43 5.50 -18.39 9.81
C LEU B 43 4.14 -17.93 9.26
N ARG B 44 3.89 -18.35 8.02
CA ARG B 44 2.63 -18.14 7.31
C ARG B 44 2.04 -19.52 6.99
N VAL B 45 0.74 -19.69 7.28
CA VAL B 45 -0.01 -20.95 7.07
C VAL B 45 -0.92 -20.78 5.84
N TYR B 46 -0.85 -21.75 4.91
CA TYR B 46 -1.67 -21.78 3.67
C TYR B 46 -2.51 -23.06 3.65
N SER B 47 -3.81 -22.90 3.36
CA SER B 47 -4.70 -24.01 3.06
C SER B 47 -4.52 -24.33 1.58
N SER B 48 -4.78 -25.58 1.17
CA SER B 48 -4.73 -25.92 -0.27
C SER B 48 -5.72 -27.06 -0.57
N GLU B 56 2.48 -27.16 -10.11
CA GLU B 56 3.60 -27.75 -9.36
C GLU B 56 3.38 -27.53 -7.86
N SER B 57 4.28 -28.08 -7.04
CA SER B 57 4.12 -28.09 -5.58
C SER B 57 4.45 -26.72 -4.99
N PRO B 58 3.92 -26.36 -3.79
CA PRO B 58 4.35 -25.14 -3.11
C PRO B 58 5.88 -25.02 -3.00
N SER B 59 6.55 -26.13 -2.67
CA SER B 59 7.99 -26.08 -2.56
C SER B 59 8.60 -25.63 -3.89
N ALA B 60 8.13 -26.18 -5.01
CA ALA B 60 8.65 -25.81 -6.33
C ALA B 60 8.43 -24.30 -6.56
N VAL B 61 7.24 -23.81 -6.23
CA VAL B 61 6.83 -22.44 -6.56
C VAL B 61 7.65 -21.45 -5.73
N VAL B 62 7.77 -21.75 -4.44
CA VAL B 62 8.53 -20.94 -3.51
C VAL B 62 10.00 -20.92 -3.96
N SER B 63 10.53 -22.09 -4.35
CA SER B 63 11.93 -22.23 -4.63
C SER B 63 12.34 -21.40 -5.84
N ALA B 64 11.54 -21.48 -6.92
CA ALA B 64 11.82 -20.77 -8.16
C ALA B 64 11.68 -19.24 -7.96
N SER B 65 10.67 -18.82 -7.19
CA SER B 65 10.40 -17.41 -6.98
C SER B 65 11.51 -16.81 -6.11
N LEU B 66 11.95 -17.57 -5.11
CA LEU B 66 13.09 -17.20 -4.29
C LEU B 66 14.29 -16.94 -5.22
N ALA B 67 14.59 -17.93 -6.06
CA ALA B 67 15.75 -17.89 -6.96
C ALA B 67 15.71 -16.61 -7.83
N THR B 68 14.53 -16.27 -8.36
CA THR B 68 14.38 -15.06 -9.21
C THR B 68 14.47 -13.80 -8.34
N ALA B 69 13.90 -13.84 -7.11
CA ALA B 69 13.90 -12.70 -6.18
C ALA B 69 15.33 -12.33 -5.75
N LEU B 70 16.17 -13.36 -5.57
CA LEU B 70 17.57 -13.16 -5.16
C LEU B 70 18.40 -12.44 -6.25
N VAL B 71 17.94 -12.40 -7.50
CA VAL B 71 18.67 -11.58 -8.49
C VAL B 71 18.78 -10.15 -7.94
N HIS B 72 17.71 -9.66 -7.30
CA HIS B 72 17.64 -8.31 -6.79
C HIS B 72 17.97 -8.26 -5.27
N TYR B 73 17.57 -9.29 -4.52
CA TYR B 73 17.72 -9.33 -3.05
C TYR B 73 18.86 -10.26 -2.63
N TYR B 74 19.91 -10.34 -3.44
CA TYR B 74 21.02 -11.28 -3.21
C TYR B 74 21.73 -11.09 -1.86
N PRO B 75 21.73 -9.91 -1.19
CA PRO B 75 22.37 -9.81 0.11
C PRO B 75 21.78 -10.73 1.20
N LEU B 76 20.54 -11.19 1.01
CA LEU B 76 19.95 -12.18 1.91
C LEU B 76 20.72 -13.50 1.86
N ALA B 77 21.43 -13.77 0.75
CA ALA B 77 22.27 -14.97 0.59
C ALA B 77 23.68 -14.77 1.16
N GLY B 78 24.04 -13.53 1.53
CA GLY B 78 25.39 -13.18 2.04
C GLY B 78 25.60 -13.62 3.48
N SER B 79 26.78 -13.30 4.04
CA SER B 79 27.17 -13.61 5.43
C SER B 79 27.52 -12.32 6.18
N LEU B 80 26.92 -12.16 7.36
CA LEU B 80 27.28 -11.11 8.34
C LEU B 80 28.61 -11.46 9.02
N ARG B 81 29.53 -10.48 9.06
CA ARG B 81 30.72 -10.55 9.92
C ARG B 81 31.03 -9.17 10.51
N ARG B 82 31.76 -9.17 11.62
CA ARG B 82 32.28 -7.95 12.27
C ARG B 82 33.37 -7.33 11.39
N SER B 83 33.36 -6.00 11.27
CA SER B 83 34.33 -5.24 10.48
C SER B 83 35.71 -5.27 11.17
N ALA B 84 36.72 -4.75 10.46
CA ALA B 84 38.12 -4.78 10.90
C ALA B 84 38.39 -3.70 11.94
N SER B 85 37.64 -2.59 11.90
CA SER B 85 37.92 -1.39 12.71
C SER B 85 37.01 -1.32 13.95
N ASP B 86 35.76 -1.78 13.81
CA ASP B 86 34.78 -1.78 14.90
C ASP B 86 34.07 -3.14 14.94
N ASN B 87 33.21 -3.34 15.94
CA ASN B 87 32.50 -4.61 16.11
C ASN B 87 31.16 -4.61 15.36
N ARG B 88 31.02 -3.69 14.39
CA ARG B 88 29.76 -3.52 13.66
C ARG B 88 29.75 -4.48 12.47
N PHE B 89 28.56 -4.97 12.12
CA PHE B 89 28.43 -5.95 11.07
C PHE B 89 28.56 -5.26 9.70
N GLU B 90 29.10 -6.04 8.76
CA GLU B 90 29.03 -5.75 7.36
C GLU B 90 28.59 -7.05 6.66
N LEU B 91 28.20 -6.96 5.39
CA LEU B 91 27.58 -8.08 4.70
C LEU B 91 28.45 -8.46 3.48
N LEU B 92 29.09 -9.64 3.54
CA LEU B 92 29.95 -10.16 2.46
C LEU B 92 29.10 -10.96 1.45
N CYS B 93 29.02 -10.43 0.23
CA CYS B 93 28.32 -11.09 -0.84
C CYS B 93 29.34 -11.57 -1.87
N SER B 94 29.08 -12.74 -2.47
CA SER B 94 29.93 -13.34 -3.51
C SER B 94 29.14 -14.41 -4.28
N ALA B 95 29.52 -14.58 -5.55
CA ALA B 95 28.92 -15.56 -6.47
C ALA B 95 29.05 -16.97 -5.87
N GLY B 96 27.94 -17.71 -5.81
CA GLY B 96 27.92 -19.06 -5.20
C GLY B 96 27.10 -19.14 -3.91
N GLN B 97 26.88 -17.99 -3.27
CA GLN B 97 26.07 -17.90 -2.05
C GLN B 97 24.62 -18.28 -2.34
N SER B 98 23.92 -18.75 -1.30
CA SER B 98 22.60 -19.36 -1.44
C SER B 98 21.75 -19.08 -0.20
N VAL B 99 20.42 -19.10 -0.37
CA VAL B 99 19.49 -19.12 0.76
C VAL B 99 19.04 -20.57 0.94
N PRO B 100 19.27 -21.20 2.12
CA PRO B 100 18.75 -22.54 2.36
C PRO B 100 17.22 -22.52 2.41
N LEU B 101 16.60 -23.48 1.71
CA LEU B 101 15.17 -23.77 1.77
C LEU B 101 15.02 -25.19 2.33
N VAL B 102 14.54 -25.29 3.57
CA VAL B 102 14.25 -26.55 4.23
C VAL B 102 12.89 -27.05 3.76
N ASN B 103 12.85 -28.28 3.23
CA ASN B 103 11.61 -28.95 2.83
C ASN B 103 11.25 -29.95 3.94
N ALA B 104 9.99 -29.94 4.38
CA ALA B 104 9.56 -30.77 5.51
C ALA B 104 8.12 -31.27 5.32
N THR B 105 7.78 -32.31 6.08
CA THR B 105 6.40 -32.82 6.17
C THR B 105 6.04 -33.04 7.64
N VAL B 106 4.75 -32.94 7.96
CA VAL B 106 4.19 -33.38 9.24
C VAL B 106 2.94 -34.24 8.97
N ASN B 107 2.84 -35.38 9.66
CA ASN B 107 1.80 -36.41 9.44
C ASN B 107 0.53 -36.07 10.24
N CYS B 108 -0.08 -34.92 9.93
CA CYS B 108 -1.42 -34.58 10.38
C CYS B 108 -1.96 -33.46 9.49
N THR B 109 -3.27 -33.23 9.54
CA THR B 109 -3.91 -32.19 8.75
C THR B 109 -3.71 -30.84 9.48
N LEU B 110 -3.69 -29.75 8.70
CA LEU B 110 -3.76 -28.41 9.28
C LEU B 110 -5.07 -28.27 10.07
N GLU B 111 -6.16 -28.83 9.52
CA GLU B 111 -7.49 -28.79 10.13
C GLU B 111 -7.42 -29.36 11.57
N SER B 112 -6.70 -30.48 11.76
CA SER B 112 -6.60 -31.20 13.05
C SER B 112 -5.96 -30.30 14.12
N VAL B 113 -4.96 -29.50 13.74
CA VAL B 113 -4.43 -28.44 14.58
C VAL B 113 -5.24 -27.17 14.30
N GLY B 114 -4.91 -26.04 14.90
CA GLY B 114 -5.83 -24.90 14.85
C GLY B 114 -5.73 -24.12 13.55
N TYR B 115 -5.32 -24.79 12.46
CA TYR B 115 -4.51 -24.14 11.45
C TYR B 115 -3.41 -23.34 12.18
N LEU B 116 -2.87 -23.96 13.25
CA LEU B 116 -1.88 -23.42 14.20
C LEU B 116 -2.35 -22.10 14.82
N ASP B 117 -3.66 -21.94 15.02
CA ASP B 117 -4.19 -20.74 15.68
C ASP B 117 -4.76 -21.10 17.07
N GLY B 118 -4.46 -22.31 17.56
CA GLY B 118 -4.80 -22.73 18.91
C GLY B 118 -3.55 -22.87 19.75
N PRO B 119 -3.49 -23.83 20.70
CA PRO B 119 -2.25 -24.13 21.43
C PRO B 119 -1.24 -24.91 20.55
N ASP B 120 0.05 -24.80 20.88
CA ASP B 120 1.13 -25.53 20.18
C ASP B 120 0.79 -27.03 20.22
N PRO B 121 0.58 -27.70 19.07
CA PRO B 121 0.40 -29.16 19.06
C PRO B 121 1.68 -29.95 19.38
N GLY B 122 2.81 -29.25 19.48
CA GLY B 122 4.08 -29.82 19.96
C GLY B 122 5.21 -29.75 18.94
N PHE B 123 4.99 -29.14 17.76
CA PHE B 123 6.01 -29.06 16.70
C PHE B 123 6.13 -27.65 16.09
N VAL B 124 5.39 -26.66 16.63
CA VAL B 124 5.32 -25.35 15.98
C VAL B 124 6.73 -24.76 15.87
N GLU B 125 7.59 -25.05 16.85
CA GLU B 125 8.96 -24.54 16.87
C GLU B 125 9.79 -25.15 15.74
N ARG B 126 9.39 -26.33 15.25
CA ARG B 126 10.15 -27.04 14.22
C ARG B 126 9.72 -26.58 12.81
N LEU B 127 8.76 -25.65 12.72
CA LEU B 127 8.22 -25.13 11.41
C LEU B 127 9.10 -24.02 10.82
N VAL B 128 10.02 -23.48 11.62
CA VAL B 128 10.97 -22.46 11.15
C VAL B 128 12.32 -22.77 11.79
N PRO B 129 13.44 -22.72 11.01
CA PRO B 129 14.76 -23.00 11.57
C PRO B 129 15.01 -22.03 12.74
N ASP B 130 15.76 -22.50 13.74
CA ASP B 130 16.12 -21.72 14.91
C ASP B 130 17.64 -21.63 14.98
N PRO B 131 18.29 -20.84 14.09
CA PRO B 131 19.75 -20.86 13.99
C PRO B 131 20.41 -20.37 15.30
N THR B 132 21.56 -20.96 15.63
CA THR B 132 22.40 -20.44 16.69
C THR B 132 22.91 -19.06 16.24
N ARG B 133 23.66 -18.42 17.14
CA ARG B 133 24.21 -17.10 16.92
C ARG B 133 25.05 -17.12 15.64
N GLU B 134 26.06 -18.01 15.61
CA GLU B 134 26.99 -18.06 14.48
C GLU B 134 26.27 -18.55 13.22
N GLU B 135 25.31 -19.49 13.38
CA GLU B 135 24.57 -20.02 12.23
C GLU B 135 23.79 -18.88 11.54
N GLY B 136 23.21 -17.99 12.37
CA GLY B 136 22.31 -16.92 11.90
C GLY B 136 23.04 -15.78 11.21
N MET B 137 24.37 -15.72 11.39
CA MET B 137 25.24 -14.76 10.71
C MET B 137 25.75 -15.37 9.39
N VAL B 138 26.08 -16.67 9.43
CA VAL B 138 26.50 -17.38 8.23
C VAL B 138 25.33 -17.43 7.25
N ASN B 139 24.14 -17.70 7.76
CA ASN B 139 22.93 -17.87 6.95
C ASN B 139 21.83 -16.96 7.50
N PRO B 140 21.89 -15.65 7.18
CA PRO B 140 20.96 -14.68 7.77
C PRO B 140 19.58 -14.67 7.10
N CYS B 141 19.37 -15.56 6.13
CA CYS B 141 18.05 -15.83 5.58
C CYS B 141 17.90 -17.33 5.35
N ILE B 142 16.95 -17.95 6.06
CA ILE B 142 16.62 -19.35 5.87
C ILE B 142 15.10 -19.50 5.78
N LEU B 143 14.63 -20.17 4.73
CA LEU B 143 13.20 -20.46 4.54
C LEU B 143 12.92 -21.95 4.78
N GLN B 144 11.63 -22.25 5.02
CA GLN B 144 11.16 -23.59 5.19
C GLN B 144 9.72 -23.71 4.67
N VAL B 145 9.46 -24.79 3.93
CA VAL B 145 8.15 -25.19 3.44
C VAL B 145 7.80 -26.55 4.04
N THR B 146 6.79 -26.57 4.92
CA THR B 146 6.33 -27.81 5.56
C THR B 146 4.96 -28.19 4.98
N MET B 147 4.89 -29.37 4.36
CA MET B 147 3.64 -29.90 3.81
C MET B 147 2.92 -30.71 4.89
N PHE B 148 1.61 -30.48 5.05
CA PHE B 148 0.75 -31.23 5.96
C PHE B 148 0.01 -32.30 5.15
N GLN B 149 -0.23 -33.46 5.76
CA GLN B 149 -0.55 -34.71 5.01
C GLN B 149 -1.84 -34.58 4.17
N CYS B 150 -2.62 -33.51 4.35
CA CYS B 150 -3.85 -33.26 3.58
C CYS B 150 -3.66 -32.15 2.52
N GLY B 151 -2.45 -31.63 2.33
CA GLY B 151 -2.14 -30.77 1.17
C GLY B 151 -1.81 -29.34 1.54
N GLY B 152 -2.28 -28.86 2.70
CA GLY B 152 -1.96 -27.52 3.17
C GLY B 152 -0.49 -27.41 3.51
N TRP B 153 -0.01 -26.17 3.74
CA TRP B 153 1.44 -25.94 3.98
C TRP B 153 1.72 -24.70 4.83
N VAL B 154 2.95 -24.66 5.37
CA VAL B 154 3.44 -23.53 6.12
C VAL B 154 4.76 -23.04 5.52
N LEU B 155 4.85 -21.71 5.34
CA LEU B 155 6.09 -21.04 4.98
C LEU B 155 6.69 -20.46 6.27
N GLY B 156 7.87 -20.94 6.66
CA GLY B 156 8.62 -20.39 7.77
C GLY B 156 9.81 -19.58 7.28
N ALA B 157 10.18 -18.53 8.03
CA ALA B 157 11.35 -17.74 7.70
C ALA B 157 12.14 -17.38 8.98
N SER B 158 13.45 -17.58 8.91
CA SER B 158 14.42 -17.05 9.88
C SER B 158 15.26 -15.98 9.19
N ILE B 159 15.10 -14.72 9.59
CA ILE B 159 15.82 -13.63 8.96
C ILE B 159 16.49 -12.79 10.05
N HIS B 160 17.82 -12.60 9.91
CA HIS B 160 18.57 -11.76 10.86
C HIS B 160 18.06 -10.32 10.83
N HIS B 161 17.70 -9.77 12.00
CA HIS B 161 16.99 -8.50 12.06
C HIS B 161 17.90 -7.35 11.62
N ALA B 162 19.21 -7.59 11.52
CA ALA B 162 20.15 -6.58 11.05
C ALA B 162 19.96 -6.31 9.55
N ILE B 163 19.44 -7.29 8.80
CA ILE B 163 19.33 -7.13 7.34
C ILE B 163 18.12 -6.27 6.99
N CYS B 164 17.02 -6.39 7.74
CA CYS B 164 15.79 -5.69 7.37
C CYS B 164 14.80 -5.65 8.54
N ASP B 165 13.91 -4.66 8.52
CA ASP B 165 12.76 -4.59 9.42
C ASP B 165 11.60 -5.37 8.77
N GLY B 166 10.43 -5.38 9.43
CA GLY B 166 9.24 -6.06 8.94
C GLY B 166 8.79 -5.56 7.58
N LEU B 167 8.95 -4.25 7.31
CA LEU B 167 8.54 -3.69 6.03
C LEU B 167 9.49 -4.14 4.93
N GLY B 168 10.79 -4.24 5.24
CA GLY B 168 11.78 -4.75 4.29
C GLY B 168 11.52 -6.19 3.89
N ALA B 169 11.28 -7.02 4.91
CA ALA B 169 10.96 -8.43 4.74
C ALA B 169 9.70 -8.57 3.89
N SER B 170 8.70 -7.71 4.15
CA SER B 170 7.44 -7.67 3.37
C SER B 170 7.73 -7.31 1.90
N LEU B 171 8.66 -6.37 1.64
CA LEU B 171 9.05 -6.06 0.26
C LEU B 171 9.54 -7.33 -0.43
N PHE B 172 10.42 -8.07 0.26
CA PHE B 172 11.08 -9.23 -0.27
C PHE B 172 10.06 -10.34 -0.56
N PHE B 173 9.19 -10.61 0.42
CA PHE B 173 8.19 -11.68 0.28
C PHE B 173 7.17 -11.29 -0.80
N ASN B 174 6.86 -10.01 -0.93
CA ASN B 174 5.94 -9.59 -1.94
C ASN B 174 6.58 -9.73 -3.31
N ALA B 175 7.90 -9.54 -3.39
CA ALA B 175 8.64 -9.74 -4.66
C ALA B 175 8.56 -11.22 -5.05
N MET B 176 8.82 -12.11 -4.08
CA MET B 176 8.71 -13.54 -4.36
C MET B 176 7.28 -13.89 -4.82
N ALA B 177 6.27 -13.40 -4.07
CA ALA B 177 4.88 -13.76 -4.34
C ALA B 177 4.45 -13.28 -5.73
N GLU B 178 4.84 -12.05 -6.11
CA GLU B 178 4.38 -11.48 -7.41
C GLU B 178 5.07 -12.23 -8.56
N LEU B 179 6.33 -12.60 -8.37
CA LEU B 179 7.03 -13.44 -9.37
C LEU B 179 6.36 -14.82 -9.44
N ALA B 180 5.94 -15.36 -8.29
CA ALA B 180 5.25 -16.66 -8.29
C ALA B 180 3.93 -16.56 -9.08
N ARG B 181 3.34 -15.35 -9.12
CA ARG B 181 2.04 -15.07 -9.78
C ARG B 181 2.28 -14.67 -11.25
N GLY B 182 3.54 -14.69 -11.68
CA GLY B 182 3.90 -14.57 -13.09
C GLY B 182 4.23 -13.14 -13.51
N ALA B 183 4.50 -12.27 -12.53
CA ALA B 183 4.99 -10.96 -12.86
C ALA B 183 6.18 -11.12 -13.85
N THR B 184 6.25 -10.11 -14.75
CA THR B 184 7.35 -10.08 -15.70
C THR B 184 8.54 -9.33 -15.07
N LYS B 185 8.26 -8.55 -14.03
CA LYS B 185 9.31 -7.93 -13.21
C LYS B 185 8.70 -7.44 -11.89
N ILE B 186 9.58 -7.26 -10.89
CA ILE B 186 9.16 -6.91 -9.55
C ILE B 186 8.63 -5.46 -9.54
N SER B 187 7.66 -5.16 -8.67
CA SER B 187 6.95 -3.86 -8.63
C SER B 187 7.86 -2.73 -8.12
N ILE B 188 8.76 -3.05 -7.18
CA ILE B 188 9.62 -2.04 -6.54
C ILE B 188 11.04 -2.60 -6.48
N GLU B 189 11.97 -1.96 -7.19
CA GLU B 189 13.37 -2.36 -7.15
C GLU B 189 13.96 -1.99 -5.79
N PRO B 190 14.58 -2.94 -5.07
CA PRO B 190 15.13 -2.69 -3.74
C PRO B 190 16.35 -1.77 -3.84
N VAL B 191 16.49 -0.89 -2.86
CA VAL B 191 17.51 0.12 -2.80
C VAL B 191 18.41 -0.22 -1.61
N TRP B 192 19.74 -0.17 -1.81
CA TRP B 192 20.70 -0.34 -0.71
C TRP B 192 21.06 1.04 -0.12
N ASP B 193 22.27 1.55 -0.41
CA ASP B 193 22.63 2.95 -0.16
C ASP B 193 22.54 3.25 1.34
N ARG B 194 22.83 2.25 2.17
CA ARG B 194 22.47 2.34 3.58
C ARG B 194 23.38 3.36 4.27
N GLU B 195 24.65 3.35 3.87
CA GLU B 195 25.68 4.22 4.41
C GLU B 195 25.32 5.69 4.15
N ARG B 196 24.89 6.00 2.92
CA ARG B 196 24.64 7.37 2.50
C ARG B 196 23.34 7.89 3.12
N LEU B 197 22.30 7.05 3.19
CA LEU B 197 20.94 7.47 3.62
C LEU B 197 20.84 7.55 5.15
N LEU B 198 21.45 6.60 5.87
CA LEU B 198 21.20 6.47 7.29
C LEU B 198 22.52 6.41 8.07
N GLY B 199 23.55 7.08 7.55
CA GLY B 199 24.82 7.23 8.25
C GLY B 199 24.77 8.41 9.22
N PRO B 200 25.74 8.49 10.16
CA PRO B 200 25.77 9.55 11.17
C PRO B 200 26.24 10.90 10.61
N ARG B 201 26.01 11.97 11.36
CA ARG B 201 26.44 13.31 10.97
C ARG B 201 27.93 13.44 11.31
N GLU B 202 28.61 14.30 10.57
CA GLU B 202 30.04 14.50 10.72
C GLU B 202 30.38 15.00 12.13
N LYS B 203 29.49 15.84 12.69
CA LYS B 203 29.57 16.28 14.07
C LYS B 203 28.36 15.72 14.80
N PRO B 204 28.43 14.47 15.35
CA PRO B 204 27.26 13.82 15.94
C PRO B 204 26.66 14.64 17.08
N TRP B 205 25.33 14.62 17.17
CA TRP B 205 24.56 15.40 18.12
C TRP B 205 23.33 14.58 18.51
N VAL B 206 23.05 14.52 19.81
CA VAL B 206 21.95 13.70 20.31
C VAL B 206 21.09 14.53 21.27
N GLY B 207 19.82 14.67 20.90
CA GLY B 207 18.82 15.44 21.66
C GLY B 207 18.35 14.72 22.92
N ALA B 208 17.65 15.48 23.76
CA ALA B 208 17.12 14.99 25.01
C ALA B 208 16.15 13.82 24.80
N PRO B 209 15.25 13.78 23.78
CA PRO B 209 14.33 12.66 23.62
C PRO B 209 15.04 11.29 23.61
N VAL B 210 16.10 11.16 22.78
CA VAL B 210 16.85 9.93 22.70
C VAL B 210 17.62 9.69 24.02
N ARG B 211 18.31 10.72 24.52
CA ARG B 211 19.10 10.59 25.77
C ARG B 211 18.20 10.19 26.95
N ASP B 212 16.98 10.74 27.03
CA ASP B 212 16.11 10.46 28.20
C ASP B 212 15.74 8.96 28.26
N PHE B 213 15.75 8.29 27.09
CA PHE B 213 15.31 6.87 26.91
C PHE B 213 16.47 5.89 27.19
N LEU B 214 17.67 6.23 26.70
CA LEU B 214 18.73 5.24 26.56
C LEU B 214 19.85 5.52 27.57
N SER B 215 20.49 4.45 28.02
CA SER B 215 21.68 4.54 28.89
C SER B 215 22.80 3.64 28.35
N LEU B 216 23.96 3.66 29.03
CA LEU B 216 25.12 2.89 28.63
C LEU B 216 25.51 1.93 29.75
N ASP B 217 25.63 0.65 29.39
CA ASP B 217 26.10 -0.40 30.31
C ASP B 217 26.65 -1.54 29.46
N LYS B 218 28.00 -1.69 29.47
CA LYS B 218 28.68 -2.73 28.72
C LYS B 218 28.42 -4.12 29.31
N ASP B 219 27.79 -4.15 30.50
CA ASP B 219 27.63 -5.37 31.27
C ASP B 219 26.19 -5.88 31.22
N PHE B 220 25.29 -5.18 30.51
CA PHE B 220 23.88 -5.50 30.57
C PHE B 220 23.44 -6.12 29.23
N ASP B 221 22.83 -7.31 29.33
CA ASP B 221 22.25 -8.00 28.19
C ASP B 221 20.73 -7.94 28.29
N PRO B 222 20.06 -7.09 27.49
CA PRO B 222 18.60 -6.98 27.57
C PRO B 222 17.88 -8.33 27.39
N TYR B 223 18.51 -9.29 26.71
CA TYR B 223 17.87 -10.56 26.37
C TYR B 223 18.36 -11.71 27.26
N GLY B 224 19.16 -11.40 28.29
CA GLY B 224 19.72 -12.40 29.20
C GLY B 224 19.35 -12.14 30.64
N GLN B 225 18.20 -11.50 30.87
CA GLN B 225 17.78 -11.21 32.26
C GLN B 225 17.19 -12.49 32.87
N ALA B 226 17.40 -12.68 34.17
CA ALA B 226 16.94 -13.87 34.93
C ALA B 226 15.50 -13.63 35.40
N ILE B 227 14.54 -13.82 34.49
CA ILE B 227 13.12 -13.58 34.79
C ILE B 227 12.34 -14.91 34.86
N GLY B 228 13.03 -16.04 34.67
CA GLY B 228 12.40 -17.35 34.48
C GLY B 228 12.10 -17.61 33.02
N ASP B 229 11.42 -18.73 32.71
CA ASP B 229 11.19 -19.12 31.33
C ASP B 229 9.97 -18.37 30.77
N VAL B 230 10.13 -17.83 29.56
CA VAL B 230 9.09 -17.00 28.95
C VAL B 230 8.15 -17.90 28.16
N LYS B 231 6.85 -17.71 28.39
CA LYS B 231 5.77 -18.49 27.76
C LYS B 231 5.06 -17.62 26.71
N ARG B 232 4.42 -18.28 25.75
CA ARG B 232 3.65 -17.63 24.71
C ARG B 232 2.18 -18.03 24.89
N ASP B 233 1.27 -17.06 24.77
CA ASP B 233 -0.15 -17.37 24.77
C ASP B 233 -0.87 -16.34 23.88
N CYS B 234 -2.08 -16.71 23.45
CA CYS B 234 -2.87 -15.88 22.58
C CYS B 234 -4.25 -15.64 23.18
N PHE B 235 -4.78 -14.44 22.91
CA PHE B 235 -6.06 -14.03 23.42
C PHE B 235 -6.81 -13.38 22.26
N PHE B 236 -8.10 -13.71 22.11
CA PHE B 236 -8.95 -13.04 21.13
C PHE B 236 -9.60 -11.85 21.86
N VAL B 237 -9.60 -10.70 21.20
CA VAL B 237 -10.18 -9.49 21.71
C VAL B 237 -11.20 -9.00 20.68
N THR B 238 -12.42 -8.65 21.12
CA THR B 238 -13.52 -8.28 20.24
C THR B 238 -13.51 -6.77 19.99
N ASP B 239 -13.90 -6.36 18.78
CA ASP B 239 -14.00 -4.92 18.42
C ASP B 239 -14.99 -4.21 19.36
N ASP B 240 -16.07 -4.91 19.72
CA ASP B 240 -17.06 -4.48 20.70
C ASP B 240 -16.39 -4.03 22.01
N SER B 241 -15.62 -4.93 22.62
CA SER B 241 -15.00 -4.66 23.90
C SER B 241 -14.03 -3.47 23.82
N LEU B 242 -13.36 -3.28 22.67
CA LEU B 242 -12.49 -2.10 22.48
C LEU B 242 -13.35 -0.84 22.38
N ASP B 243 -14.48 -0.93 21.67
CA ASP B 243 -15.41 0.19 21.57
C ASP B 243 -15.87 0.59 22.98
N GLN B 244 -16.26 -0.39 23.81
CA GLN B 244 -16.69 -0.15 25.20
C GLN B 244 -15.58 0.54 25.99
N LEU B 245 -14.38 -0.03 25.93
CA LEU B 245 -13.22 0.53 26.67
C LEU B 245 -12.97 1.98 26.24
N LYS B 246 -12.96 2.25 24.93
CA LYS B 246 -12.69 3.60 24.41
C LYS B 246 -13.78 4.59 24.87
N ALA B 247 -15.03 4.14 24.85
CA ALA B 247 -16.17 4.98 25.26
C ALA B 247 -16.07 5.31 26.75
N GLN B 248 -15.65 4.33 27.56
CA GLN B 248 -15.51 4.52 29.02
C GLN B 248 -14.34 5.47 29.30
N LEU B 249 -13.22 5.33 28.58
CA LEU B 249 -12.08 6.20 28.75
C LEU B 249 -12.46 7.65 28.39
N LEU B 250 -13.17 7.81 27.26
CA LEU B 250 -13.65 9.13 26.82
C LEU B 250 -14.57 9.74 27.88
N GLU B 251 -15.52 8.95 28.37
CA GLU B 251 -16.51 9.36 29.36
C GLU B 251 -15.80 9.89 30.61
N LYS B 252 -14.73 9.20 31.04
CA LYS B 252 -14.05 9.46 32.29
C LYS B 252 -12.93 10.50 32.13
N SER B 253 -12.38 10.67 30.91
CA SER B 253 -11.17 11.48 30.76
C SER B 253 -11.37 12.66 29.80
N GLY B 254 -12.35 12.56 28.90
CA GLY B 254 -12.55 13.52 27.81
C GLY B 254 -11.59 13.31 26.65
N LEU B 255 -10.86 12.18 26.61
CA LEU B 255 -9.86 11.94 25.56
C LEU B 255 -10.25 10.70 24.73
N ASN B 256 -10.09 10.79 23.40
CA ASN B 256 -10.28 9.64 22.52
C ASN B 256 -8.94 8.90 22.38
N PHE B 257 -8.95 7.59 22.61
CA PHE B 257 -7.73 6.83 22.48
C PHE B 257 -7.89 5.85 21.32
N THR B 258 -6.79 5.59 20.62
CA THR B 258 -6.71 4.54 19.62
C THR B 258 -6.73 3.21 20.38
N THR B 259 -7.06 2.15 19.64
CA THR B 259 -6.97 0.79 20.14
C THR B 259 -5.58 0.54 20.73
N PHE B 260 -4.54 0.94 20.01
CA PHE B 260 -3.16 0.66 20.44
C PHE B 260 -2.86 1.32 21.80
N GLU B 261 -3.34 2.55 21.98
CA GLU B 261 -3.18 3.28 23.23
C GLU B 261 -3.94 2.58 24.39
N ALA B 262 -5.22 2.29 24.17
CA ALA B 262 -6.13 1.83 25.21
C ALA B 262 -5.77 0.40 25.63
N LEU B 263 -5.75 -0.51 24.66
CA LEU B 263 -5.41 -1.90 24.90
C LEU B 263 -3.94 -2.04 25.34
N GLY B 264 -3.06 -1.26 24.70
CA GLY B 264 -1.65 -1.14 25.10
C GLY B 264 -1.50 -0.84 26.59
N ALA B 265 -2.24 0.17 27.07
CA ALA B 265 -2.19 0.58 28.49
C ALA B 265 -2.68 -0.59 29.37
N TYR B 266 -3.77 -1.22 28.95
CA TYR B 266 -4.40 -2.25 29.76
C TYR B 266 -3.42 -3.43 29.96
N ILE B 267 -2.85 -3.90 28.84
CA ILE B 267 -1.92 -5.03 28.82
C ILE B 267 -0.65 -4.69 29.61
N TRP B 268 -0.10 -3.49 29.38
CA TRP B 268 1.15 -3.02 30.04
C TRP B 268 0.95 -3.03 31.55
N ARG B 269 -0.16 -2.42 32.00
CA ARG B 269 -0.53 -2.41 33.43
C ARG B 269 -0.61 -3.84 33.95
N ALA B 270 -1.35 -4.71 33.24
CA ALA B 270 -1.66 -6.05 33.71
C ALA B 270 -0.37 -6.86 33.88
N LYS B 271 0.55 -6.68 32.93
CA LYS B 271 1.83 -7.37 32.87
C LYS B 271 2.73 -6.92 34.02
N VAL B 272 2.85 -5.61 34.26
CA VAL B 272 3.78 -5.09 35.24
C VAL B 272 3.27 -5.46 36.65
N ARG B 273 1.95 -5.41 36.81
CA ARG B 273 1.26 -5.88 37.98
C ARG B 273 1.61 -7.35 38.26
N ALA B 274 1.41 -8.21 37.25
CA ALA B 274 1.53 -9.67 37.36
C ALA B 274 3.00 -10.07 37.62
N ALA B 275 3.93 -9.28 37.07
CA ALA B 275 5.37 -9.48 37.28
C ALA B 275 5.81 -9.03 38.68
N LYS B 276 4.97 -8.28 39.41
CA LYS B 276 5.29 -7.75 40.75
C LYS B 276 6.57 -6.92 40.68
N THR B 277 6.69 -6.09 39.64
CA THR B 277 7.83 -5.23 39.49
C THR B 277 7.90 -4.28 40.68
N GLU B 278 9.11 -4.04 41.20
CA GLU B 278 9.31 -3.21 42.39
C GLU B 278 8.83 -1.77 42.11
N GLU B 279 8.33 -1.13 43.17
CA GLU B 279 7.55 0.12 43.14
C GLU B 279 8.23 1.30 42.44
N LYS B 280 9.55 1.44 42.58
CA LYS B 280 10.27 2.60 42.05
C LYS B 280 11.08 2.22 40.81
N GLU B 281 10.92 0.98 40.35
CA GLU B 281 11.59 0.52 39.13
C GLU B 281 10.96 1.28 37.95
N ASN B 282 11.83 1.82 37.09
CA ASN B 282 11.45 2.45 35.83
C ASN B 282 11.05 1.35 34.83
N VAL B 283 9.84 1.43 34.28
CA VAL B 283 9.39 0.47 33.28
C VAL B 283 9.06 1.24 31.99
N LYS B 284 9.16 0.55 30.86
CA LYS B 284 8.99 1.17 29.56
C LYS B 284 8.04 0.36 28.70
N PHE B 285 7.27 1.11 27.92
CA PHE B 285 6.44 0.68 26.82
C PHE B 285 7.18 1.09 25.55
N VAL B 286 7.61 0.13 24.73
CA VAL B 286 8.42 0.42 23.54
C VAL B 286 7.73 -0.20 22.31
N TYR B 287 7.75 0.56 21.22
CA TYR B 287 7.21 0.12 19.93
C TYR B 287 8.07 0.75 18.83
N SER B 288 8.04 0.14 17.64
CA SER B 288 8.81 0.56 16.49
C SER B 288 7.91 1.37 15.54
N ILE B 289 8.42 2.50 15.04
CA ILE B 289 7.68 3.24 14.02
C ILE B 289 8.55 3.40 12.76
N ASN B 290 7.87 3.27 11.62
CA ASN B 290 8.42 3.43 10.30
C ASN B 290 8.69 4.92 9.97
N ILE B 291 9.95 5.27 9.69
CA ILE B 291 10.35 6.68 9.60
C ILE B 291 10.69 7.00 8.14
N ARG B 292 10.49 6.02 7.25
CA ARG B 292 10.85 6.21 5.82
C ARG B 292 10.25 7.52 5.29
N ARG B 293 8.98 7.81 5.64
CA ARG B 293 8.25 8.96 5.05
C ARG B 293 8.41 10.23 5.90
N LEU B 294 8.98 10.08 7.11
CA LEU B 294 9.17 11.15 8.08
C LEU B 294 10.48 11.91 7.81
N MET B 295 11.48 11.25 7.22
CA MET B 295 12.80 11.85 7.09
C MET B 295 12.74 12.96 6.03
N ASN B 296 13.68 13.92 6.14
CA ASN B 296 13.80 15.02 5.23
C ASN B 296 15.20 15.00 4.62
N PRO B 297 15.34 14.54 3.36
CA PRO B 297 14.29 14.01 2.51
C PRO B 297 13.85 12.61 2.91
N PRO B 298 12.71 12.06 2.40
CA PRO B 298 12.27 10.72 2.78
C PRO B 298 13.17 9.62 2.18
N LEU B 299 13.24 8.46 2.85
CA LEU B 299 13.90 7.29 2.29
C LEU B 299 13.14 6.85 1.02
N PRO B 300 13.79 6.22 0.04
CA PRO B 300 13.11 5.79 -1.19
C PRO B 300 12.25 4.55 -0.93
N LYS B 301 11.37 4.22 -1.88
CA LYS B 301 10.27 3.29 -1.69
C LYS B 301 10.78 1.86 -1.41
N GLY B 302 11.83 1.47 -2.14
CA GLY B 302 12.45 0.14 -2.04
C GLY B 302 13.56 0.08 -0.99
N TYR B 303 13.61 1.07 -0.09
CA TYR B 303 14.53 0.94 1.05
C TYR B 303 14.02 -0.21 1.92
N TRP B 304 14.73 -1.34 1.87
CA TRP B 304 14.30 -2.53 2.59
C TRP B 304 15.15 -2.82 3.85
N GLY B 305 16.24 -2.07 4.07
CA GLY B 305 16.96 -2.12 5.35
C GLY B 305 16.03 -1.73 6.47
N ASN B 306 16.53 -1.74 7.71
CA ASN B 306 15.78 -1.21 8.78
C ASN B 306 15.53 0.27 8.44
N GLY B 307 14.26 0.64 8.53
CA GLY B 307 13.81 2.01 8.41
C GLY B 307 12.82 2.39 9.51
N CYS B 308 12.99 1.82 10.70
CA CYS B 308 12.16 2.11 11.87
C CYS B 308 13.09 2.50 13.04
N VAL B 309 12.53 3.25 14.00
CA VAL B 309 13.19 3.55 15.26
C VAL B 309 12.24 3.23 16.40
N PRO B 310 12.79 2.87 17.59
CA PRO B 310 11.97 2.64 18.77
C PRO B 310 11.52 3.93 19.45
N MET B 311 10.23 4.01 19.79
CA MET B 311 9.66 5.10 20.57
C MET B 311 9.34 4.51 21.94
N TYR B 312 9.27 5.36 22.96
CA TYR B 312 9.08 4.91 24.34
C TYR B 312 8.11 5.82 25.11
N ALA B 313 7.40 5.21 26.07
CA ALA B 313 6.89 5.87 27.22
C ALA B 313 7.52 5.22 28.45
N GLN B 314 7.88 6.03 29.46
CA GLN B 314 8.42 5.46 30.70
C GLN B 314 7.67 6.05 31.88
N ILE B 315 7.68 5.29 32.98
CA ILE B 315 6.98 5.62 34.21
C ILE B 315 7.48 4.65 35.26
N LYS B 316 7.47 5.09 36.54
CA LYS B 316 7.66 4.13 37.56
C LYS B 316 6.56 3.02 37.43
N ALA B 317 6.92 1.78 37.69
CA ALA B 317 5.94 0.65 37.89
C ALA B 317 4.83 1.01 38.93
N GLY B 318 5.20 1.57 40.11
CA GLY B 318 4.22 1.82 41.19
C GLY B 318 3.09 2.73 40.72
N GLU B 319 3.44 3.69 39.85
CA GLU B 319 2.49 4.67 39.29
C GLU B 319 1.69 4.02 38.17
N LEU B 320 2.36 3.24 37.31
CA LEU B 320 1.64 2.53 36.26
C LEU B 320 0.53 1.65 36.85
N ILE B 321 0.86 0.86 37.88
CA ILE B 321 -0.06 -0.19 38.35
C ILE B 321 -1.21 0.43 39.17
N GLU B 322 -1.07 1.69 39.59
CA GLU B 322 -2.13 2.28 40.38
C GLU B 322 -2.77 3.51 39.75
N GLN B 323 -2.17 4.08 38.70
CA GLN B 323 -2.80 5.24 38.12
C GLN B 323 -3.89 4.79 37.14
N PRO B 324 -4.90 5.64 36.88
CA PRO B 324 -5.96 5.30 35.91
C PRO B 324 -5.41 4.93 34.53
N ILE B 325 -6.08 3.99 33.89
CA ILE B 325 -5.73 3.55 32.53
C ILE B 325 -5.71 4.76 31.60
N TRP B 326 -6.63 5.72 31.77
CA TRP B 326 -6.63 6.88 30.88
C TRP B 326 -5.33 7.67 30.98
N LYS B 327 -4.73 7.76 32.17
CA LYS B 327 -3.45 8.43 32.29
C LYS B 327 -2.37 7.66 31.52
N THR B 328 -2.43 6.33 31.58
CA THR B 328 -1.43 5.49 30.95
C THR B 328 -1.60 5.60 29.42
N ALA B 329 -2.85 5.53 28.98
CA ALA B 329 -3.17 5.69 27.55
C ALA B 329 -2.65 7.04 27.02
N GLU B 330 -2.80 8.11 27.82
CA GLU B 330 -2.32 9.44 27.42
C GLU B 330 -0.79 9.42 27.32
N LEU B 331 -0.11 8.72 28.24
CA LEU B 331 1.34 8.62 28.20
C LEU B 331 1.80 7.98 26.88
N ILE B 332 1.14 6.88 26.49
CA ILE B 332 1.45 6.18 25.24
C ILE B 332 1.16 7.11 24.06
N LYS B 333 0.01 7.80 24.08
CA LYS B 333 -0.34 8.74 23.01
C LYS B 333 0.74 9.82 22.85
N GLN B 334 1.18 10.38 23.99
CA GLN B 334 2.10 11.50 23.99
C GLN B 334 3.49 11.06 23.48
N SER B 335 3.78 9.75 23.53
CA SER B 335 5.11 9.22 23.13
C SER B 335 5.37 9.43 21.63
N LYS B 336 4.30 9.54 20.84
CA LYS B 336 4.41 9.77 19.39
C LYS B 336 4.91 11.19 19.09
N SER B 337 4.77 12.11 20.05
CA SER B 337 5.25 13.48 19.93
C SER B 337 6.78 13.55 19.75
N ASN B 338 7.50 12.51 20.11
CA ASN B 338 8.95 12.54 20.00
C ASN B 338 9.36 12.20 18.56
N THR B 339 8.43 11.65 17.77
CA THR B 339 8.76 11.14 16.43
C THR B 339 8.99 12.30 15.44
N SER B 340 10.24 12.45 15.01
CA SER B 340 10.66 13.54 14.12
C SER B 340 11.91 13.08 13.39
N ASP B 341 12.28 13.84 12.34
CA ASP B 341 13.52 13.65 11.61
C ASP B 341 14.71 13.69 12.58
N GLU B 342 14.71 14.69 13.48
CA GLU B 342 15.84 14.86 14.38
C GLU B 342 15.91 13.70 15.39
N TYR B 343 14.76 13.17 15.81
CA TYR B 343 14.77 12.00 16.69
C TYR B 343 15.54 10.86 16.02
N VAL B 344 15.29 10.62 14.73
CA VAL B 344 15.98 9.56 14.06
C VAL B 344 17.49 9.91 14.04
N ARG B 345 17.83 11.16 13.68
CA ARG B 345 19.23 11.52 13.45
C ARG B 345 19.99 11.47 14.78
N SER B 346 19.31 11.88 15.86
CA SER B 346 19.80 11.75 17.23
C SER B 346 20.10 10.28 17.54
N PHE B 347 19.15 9.39 17.22
CA PHE B 347 19.29 7.95 17.49
C PHE B 347 20.53 7.38 16.77
N ILE B 348 20.67 7.70 15.48
CA ILE B 348 21.78 7.26 14.65
C ILE B 348 23.14 7.78 15.17
N ASP B 349 23.18 9.07 15.56
CA ASP B 349 24.40 9.69 16.08
C ASP B 349 24.78 9.06 17.44
N PHE B 350 23.78 8.69 18.25
CA PHE B 350 24.06 8.01 19.55
C PHE B 350 24.71 6.64 19.27
N GLN B 351 24.23 5.95 18.22
CA GLN B 351 24.82 4.63 17.83
C GLN B 351 26.25 4.81 17.35
N GLU B 352 26.52 5.97 16.71
CA GLU B 352 27.83 6.27 16.24
C GLU B 352 28.75 6.47 17.45
N LEU B 353 28.28 7.26 18.42
CA LEU B 353 29.09 7.69 19.57
C LEU B 353 29.29 6.56 20.58
N HIS B 354 28.34 5.61 20.69
CA HIS B 354 28.29 4.71 21.86
C HIS B 354 27.98 3.24 21.54
N HIS B 355 28.15 2.80 20.29
CA HIS B 355 27.88 1.40 19.95
C HIS B 355 28.68 0.44 20.85
N LYS B 356 29.92 0.79 21.16
CA LYS B 356 30.82 -0.05 21.97
C LYS B 356 30.48 0.02 23.47
N ASP B 357 29.60 0.93 23.89
CA ASP B 357 29.38 1.23 25.32
C ASP B 357 28.11 0.55 25.85
N GLY B 358 27.46 -0.26 25.01
CA GLY B 358 26.29 -1.05 25.41
C GLY B 358 25.03 -0.23 25.58
N ILE B 359 24.62 0.43 24.51
CA ILE B 359 23.42 1.26 24.51
C ILE B 359 22.22 0.38 24.89
N ASN B 360 21.37 0.83 25.80
CA ASN B 360 20.22 0.01 26.18
C ASN B 360 19.12 0.88 26.81
N ALA B 361 17.88 0.35 26.78
CA ALA B 361 16.69 0.99 27.38
C ALA B 361 16.40 0.39 28.75
N GLY B 362 17.30 -0.45 29.25
CA GLY B 362 17.30 -0.90 30.65
C GLY B 362 16.37 -2.09 30.88
N THR B 363 16.14 -2.40 32.16
CA THR B 363 15.20 -3.43 32.55
C THR B 363 13.75 -2.89 32.16
N GLY B 364 12.78 -3.81 32.39
CA GLY B 364 11.37 -3.46 32.53
C GLY B 364 10.79 -2.93 31.24
N VAL B 365 11.42 -3.28 30.10
CA VAL B 365 10.92 -2.87 28.81
C VAL B 365 9.94 -3.93 28.31
N THR B 366 8.70 -3.49 28.03
CA THR B 366 7.70 -4.33 27.34
C THR B 366 7.53 -3.78 25.92
N GLY B 367 7.84 -4.62 24.93
CA GLY B 367 7.63 -4.26 23.54
C GLY B 367 6.24 -4.65 23.06
N PHE B 368 5.71 -3.80 22.18
CA PHE B 368 4.44 -3.95 21.55
C PHE B 368 4.65 -3.74 20.04
N THR B 369 4.08 -4.63 19.24
CA THR B 369 4.11 -4.54 17.78
C THR B 369 2.68 -4.76 17.26
N ASP B 370 2.21 -3.83 16.43
CA ASP B 370 0.88 -3.87 15.93
C ASP B 370 0.93 -4.29 14.46
N TRP B 371 0.66 -5.57 14.20
CA TRP B 371 0.76 -6.13 12.83
C TRP B 371 -0.64 -6.47 12.27
N ARG B 372 -1.68 -5.81 12.78
CA ARG B 372 -3.03 -6.04 12.33
C ARG B 372 -3.19 -5.74 10.83
N TYR B 373 -2.61 -4.62 10.37
CA TYR B 373 -2.97 -4.06 9.07
C TYR B 373 -1.74 -3.99 8.16
N LEU B 374 -0.82 -4.95 8.33
CA LEU B 374 0.18 -5.21 7.33
C LEU B 374 -0.57 -5.83 6.15
N GLY B 375 0.09 -5.89 4.99
CA GLY B 375 -0.55 -6.40 3.77
C GLY B 375 -0.37 -7.91 3.65
N HIS B 376 -0.80 -8.62 4.70
CA HIS B 376 -0.60 -10.07 4.83
C HIS B 376 -1.07 -10.79 3.57
N SER B 377 -2.24 -10.38 3.04
CA SER B 377 -3.02 -11.14 2.06
C SER B 377 -2.32 -11.20 0.71
N THR B 378 -1.37 -10.29 0.44
CA THR B 378 -0.73 -10.22 -0.90
C THR B 378 0.44 -11.21 -0.99
N ILE B 379 0.84 -11.80 0.16
CA ILE B 379 1.86 -12.86 0.13
C ILE B 379 1.13 -14.14 -0.29
N ASP B 380 0.78 -14.16 -1.57
CA ASP B 380 -0.01 -15.20 -2.19
C ASP B 380 0.82 -15.79 -3.34
N PHE B 381 1.24 -17.04 -3.15
CA PHE B 381 2.04 -17.78 -4.12
C PHE B 381 1.16 -18.57 -5.11
N GLY B 382 -0.18 -18.41 -4.99
CA GLY B 382 -1.17 -19.11 -5.86
C GLY B 382 -2.15 -19.96 -5.06
N TRP B 383 -1.92 -20.09 -3.74
CA TRP B 383 -2.77 -20.84 -2.81
C TRP B 383 -3.56 -19.88 -1.91
N GLY B 384 -3.60 -18.60 -2.30
CA GLY B 384 -4.25 -17.56 -1.53
C GLY B 384 -3.31 -16.93 -0.52
N GLY B 385 -3.81 -15.90 0.16
CA GLY B 385 -3.13 -15.28 1.26
C GLY B 385 -3.10 -16.24 2.45
N PRO B 386 -2.23 -16.02 3.44
CA PRO B 386 -2.11 -16.93 4.58
C PRO B 386 -3.37 -16.87 5.46
N VAL B 387 -3.80 -18.04 5.97
CA VAL B 387 -4.96 -18.13 6.86
C VAL B 387 -4.55 -17.75 8.30
N THR B 388 -3.26 -17.90 8.60
CA THR B 388 -2.69 -17.71 9.95
C THR B 388 -1.26 -17.23 9.79
N VAL B 389 -0.86 -16.26 10.62
CA VAL B 389 0.51 -15.76 10.67
C VAL B 389 0.95 -15.79 12.14
N LEU B 390 2.23 -16.07 12.38
CA LEU B 390 2.68 -16.32 13.75
C LEU B 390 4.16 -16.00 13.90
N PRO B 391 4.49 -14.93 14.67
CA PRO B 391 5.88 -14.70 15.06
C PRO B 391 6.23 -15.53 16.30
N LEU B 392 7.34 -16.27 16.23
CA LEU B 392 7.84 -17.08 17.33
C LEU B 392 8.94 -16.37 18.12
N SER B 393 9.58 -15.33 17.56
CA SER B 393 10.67 -14.62 18.26
C SER B 393 10.09 -13.87 19.47
N ASN B 394 10.84 -13.85 20.58
CA ASN B 394 10.42 -13.13 21.78
C ASN B 394 11.56 -12.26 22.35
N LYS B 395 12.62 -12.04 21.56
CA LYS B 395 13.67 -11.08 21.91
C LYS B 395 13.61 -9.92 20.91
N LEU B 396 12.79 -8.92 21.27
CA LEU B 396 12.51 -7.79 20.41
C LEU B 396 12.49 -6.51 21.24
N LEU B 397 12.97 -5.42 20.64
CA LEU B 397 12.79 -4.05 21.16
C LEU B 397 13.42 -3.89 22.54
N GLY B 398 14.44 -4.73 22.83
CA GLY B 398 15.09 -4.71 24.14
C GLY B 398 14.20 -5.27 25.22
N SER B 399 13.17 -6.03 24.81
CA SER B 399 12.28 -6.72 25.70
C SER B 399 12.46 -8.24 25.54
N MET B 400 12.32 -8.97 26.67
CA MET B 400 12.20 -10.44 26.63
C MET B 400 10.72 -10.86 26.65
N GLU B 401 9.80 -9.89 26.66
CA GLU B 401 8.36 -10.20 26.81
C GLU B 401 7.54 -9.36 25.84
N PRO B 402 7.81 -9.46 24.52
CA PRO B 402 7.09 -8.66 23.52
C PRO B 402 5.67 -9.16 23.23
N CYS B 403 4.81 -8.22 22.85
N CYS B 403 4.79 -8.20 22.93
CA CYS B 403 3.40 -8.49 22.60
CA CYS B 403 3.41 -8.46 22.56
C CYS B 403 3.08 -8.10 21.16
C CYS B 403 3.21 -8.18 21.08
N PHE B 404 2.33 -8.97 20.44
CA PHE B 404 1.91 -8.71 19.08
C PHE B 404 0.38 -8.60 19.00
N PHE B 405 -0.10 -7.61 18.23
CA PHE B 405 -1.50 -7.58 17.75
C PHE B 405 -1.47 -8.10 16.31
N LEU B 406 -2.24 -9.14 16.03
CA LEU B 406 -2.23 -9.84 14.74
C LEU B 406 -3.65 -9.89 14.19
N PRO B 407 -3.83 -10.07 12.87
CA PRO B 407 -5.16 -10.14 12.27
C PRO B 407 -5.79 -11.43 12.79
N TYR B 408 -7.13 -11.54 12.83
CA TYR B 408 -7.71 -12.87 12.99
C TYR B 408 -7.98 -13.47 11.61
N SER B 409 -8.21 -14.79 11.56
CA SER B 409 -8.76 -15.48 10.37
C SER B 409 -9.84 -14.63 9.71
N SER B 416 -20.04 -11.59 12.21
CA SER B 416 -20.97 -10.73 12.95
C SER B 416 -20.18 -9.75 13.84
N LYS B 417 -20.80 -8.60 14.14
CA LYS B 417 -20.16 -7.51 14.90
C LYS B 417 -19.82 -7.99 16.32
N LYS B 418 -20.68 -8.85 16.89
CA LYS B 418 -20.49 -9.40 18.23
C LYS B 418 -19.25 -10.30 18.28
N ASP B 419 -18.84 -10.86 17.13
CA ASP B 419 -17.78 -11.86 17.05
C ASP B 419 -16.51 -11.29 16.37
N SER B 420 -16.57 -10.04 15.88
CA SER B 420 -15.47 -9.38 15.12
C SER B 420 -14.34 -8.93 16.06
N GLY B 421 -13.08 -9.06 15.62
CA GLY B 421 -11.94 -8.66 16.46
C GLY B 421 -10.58 -8.99 15.86
N PHE B 422 -9.58 -9.15 16.74
CA PHE B 422 -8.23 -9.57 16.34
C PHE B 422 -7.60 -10.35 17.49
N LYS B 423 -6.39 -10.89 17.25
CA LYS B 423 -5.68 -11.71 18.21
C LYS B 423 -4.56 -10.89 18.87
N VAL B 424 -4.29 -11.20 20.14
CA VAL B 424 -3.14 -10.67 20.87
C VAL B 424 -2.24 -11.84 21.25
N LEU B 425 -0.99 -11.81 20.78
CA LEU B 425 0.02 -12.78 21.15
C LEU B 425 0.90 -12.17 22.23
N VAL B 426 0.96 -12.81 23.40
CA VAL B 426 1.71 -12.27 24.52
C VAL B 426 2.85 -13.26 24.86
N ASN B 427 4.04 -12.70 25.10
CA ASN B 427 5.16 -13.42 25.63
C ASN B 427 5.36 -12.88 27.06
N LEU B 428 5.29 -13.77 28.04
CA LEU B 428 5.35 -13.37 29.43
C LEU B 428 6.00 -14.49 30.24
N ARG B 429 6.84 -14.09 31.21
CA ARG B 429 7.44 -15.01 32.15
C ARG B 429 6.34 -15.87 32.81
N GLU B 430 6.71 -17.13 33.08
CA GLU B 430 5.79 -18.19 33.49
C GLU B 430 5.13 -17.82 34.82
N SER B 431 5.90 -17.28 35.77
CA SER B 431 5.36 -16.94 37.07
C SER B 431 4.24 -15.89 36.97
N ALA B 432 4.24 -15.08 35.91
CA ALA B 432 3.31 -13.93 35.74
C ALA B 432 2.12 -14.27 34.81
N MET B 433 2.15 -15.49 34.24
CA MET B 433 1.17 -15.84 33.25
C MET B 433 -0.21 -16.08 33.89
N PRO B 434 -0.34 -16.79 35.04
CA PRO B 434 -1.66 -16.96 35.66
C PRO B 434 -2.43 -15.67 36.01
N GLU B 435 -1.78 -14.67 36.63
CA GLU B 435 -2.47 -13.40 36.92
C GLU B 435 -2.84 -12.68 35.62
N PHE B 436 -1.93 -12.73 34.64
CA PHE B 436 -2.14 -12.06 33.39
C PHE B 436 -3.36 -12.66 32.66
N LYS B 437 -3.49 -13.99 32.72
CA LYS B 437 -4.66 -14.71 32.20
C LYS B 437 -5.94 -14.19 32.87
N GLU B 438 -5.90 -13.95 34.19
CA GLU B 438 -7.10 -13.50 34.93
C GLU B 438 -7.45 -12.06 34.52
N ALA B 439 -6.42 -11.25 34.25
CA ALA B 439 -6.58 -9.89 33.73
C ALA B 439 -7.25 -9.88 32.35
N MET B 440 -6.87 -10.80 31.45
CA MET B 440 -7.45 -10.82 30.10
C MET B 440 -8.87 -11.38 30.16
N ASP B 441 -9.16 -12.24 31.15
CA ASP B 441 -10.51 -12.75 31.33
C ASP B 441 -11.43 -11.60 31.79
N LYS B 442 -10.95 -10.78 32.75
CA LYS B 442 -11.70 -9.61 33.21
C LYS B 442 -11.95 -8.66 32.02
N PHE B 443 -10.92 -8.43 31.20
CA PHE B 443 -11.08 -7.59 30.01
C PHE B 443 -12.22 -8.14 29.14
N HIS B 444 -12.19 -9.44 28.85
CA HIS B 444 -13.21 -10.10 28.01
C HIS B 444 -14.64 -9.91 28.54
N LYS B 445 -14.79 -9.78 29.86
CA LYS B 445 -16.08 -9.58 30.51
C LYS B 445 -16.42 -8.11 30.70
N GLY B 446 -15.58 -7.19 30.18
CA GLY B 446 -15.83 -5.76 30.30
C GLY B 446 -15.63 -5.24 31.72
N GLU B 447 -14.87 -5.99 32.54
CA GLU B 447 -14.49 -5.61 33.90
C GLU B 447 -13.08 -5.02 33.85
N PHE B 448 -12.96 -3.82 33.29
CA PHE B 448 -11.68 -3.24 32.93
C PHE B 448 -10.96 -2.63 34.13
N ALA B 449 -11.69 -2.38 35.22
CA ALA B 449 -11.16 -1.73 36.42
C ALA B 449 -10.15 -0.65 35.94
N LEU B 450 -10.76 0.49 35.56
CA LEU B 450 -10.00 1.49 34.86
C LEU B 450 -9.25 2.41 35.83
N SER B 451 -9.84 2.69 36.99
CA SER B 451 -9.37 3.77 37.86
C SER B 451 -8.54 3.21 39.02
CA CA C . 4.12 2.91 -34.82
C1 EDO D . -27.03 1.39 -11.50
O1 EDO D . -28.15 0.55 -11.21
C2 EDO D . -27.52 2.81 -11.67
O2 EDO D . -26.41 3.62 -12.09
C1 EDO E . -14.97 31.18 -28.99
O1 EDO E . -13.57 30.99 -29.03
C2 EDO E . -15.27 31.77 -27.62
O2 EDO E . -16.39 32.64 -27.74
C1 EDO F . 10.32 -5.04 -29.39
O1 EDO F . 10.91 -5.43 -28.15
C2 EDO F . 9.16 -5.97 -29.71
O2 EDO F . 9.59 -6.84 -30.75
C1 EDO G . -11.43 16.34 -27.93
O1 EDO G . -11.80 16.64 -26.60
C2 EDO G . -10.71 17.53 -28.51
O2 EDO G . -11.55 18.68 -28.35
C1 EDO H . -3.93 3.78 -22.73
O1 EDO H . -3.40 2.66 -23.44
C2 EDO H . -5.29 3.41 -22.20
O2 EDO H . -5.79 4.44 -21.33
C1 EDO I . -15.53 27.90 -19.01
O1 EDO I . -14.72 26.90 -19.67
C2 EDO I . -14.94 29.28 -19.25
O2 EDO I . -15.03 29.63 -20.65
C1 EDO J . 0.91 18.34 -15.69
O1 EDO J . 0.25 17.22 -15.08
C2 EDO J . 1.35 17.91 -17.08
O2 EDO J . 2.44 16.98 -16.93
C1 EDO K . -19.04 -5.36 -31.21
O1 EDO K . -19.96 -5.89 -30.25
C2 EDO K . -18.95 -3.86 -30.98
O2 EDO K . -19.43 -3.54 -29.67
C1 EDO L . -21.75 -10.58 -14.38
O1 EDO L . -20.74 -11.50 -13.94
C2 EDO L . -21.39 -9.18 -13.90
O2 EDO L . -21.33 -8.30 -15.04
CA CA M . 20.06 8.51 29.34
C1 EDO N . -10.85 -1.65 17.26
O1 EDO N . -9.68 -1.13 16.61
C2 EDO N . -11.68 -0.48 17.75
O2 EDO N . -13.04 -0.84 17.84
C1 EDO O . 9.88 -3.79 -18.15
O1 EDO O . 9.07 -4.66 -18.95
C2 EDO O . 11.04 -3.28 -18.97
O2 EDO O . 12.05 -2.74 -18.09
#